data_5D0B
#
_entry.id   5D0B
#
_cell.length_a   45.644
_cell.length_b   110.754
_cell.length_c   99.223
_cell.angle_alpha   90.000
_cell.angle_beta   95.160
_cell.angle_gamma   90.000
#
_symmetry.space_group_name_H-M   'P 1 21 1'
#
loop_
_entity.id
_entity.type
_entity.pdbx_description
1 polymer 'Epoxyqueuosine reductase'
2 polymer "RNA (5'-D(*GP*CP*AP*GP*AP*CP*UP*(56B)P*UP*AP*AP*AP*UP*CP*UP*GP*C)-3')"
3 non-polymer 'IRON/SULFUR CLUSTER'
4 non-polymer COBALAMIN
5 non-polymer 'PHOSPHATE ION'
6 non-polymer GLYCEROL
7 water water
#
loop_
_entity_poly.entity_id
_entity_poly.type
_entity_poly.pdbx_seq_one_letter_code
_entity_poly.pdbx_strand_id
1 'polypeptide(L)'
;MASRGSHHHHHHGAGDRGPEFELGTRGSMNVYQLKEELIEYAKSIGVDKIGFTTADTFDSLKDRLILQESLGYLSGFEEP
DIEKRVTPKLLLPKAKSIVAIALAYPSRMKDAPRSTRTERRGIFCRASWGKDYHDVLREKLDLLEDFLKSKHEDIRTKSM
VDTGELSDRAVAERAGIGFSAKNCMITTPEYGSYVYLAEMITNIPFEPDVPIEDMCGSCTKCLDACPTGALVNPGQLNAQ
RCISFLTQTKGFLPDEFRTKIGNRLYGCDTCQTVCPLNKGKDFHLHPEMEPDPEIAKPLLKPLLAISNREFKEKFGHVSG
SWRGKKPIQRNAILALAHFKDASALPELTELMHKDPRPVIRGTAAWAIGKIGDPAYAEELEKALEKEKDEEAKLEIEKGI
ELLKASGMTKQGLSGSLEVDLQGDHGLSAWSHPQFEK
;
A,B
2 'polyribonucleotide' GCAGACU(56B)UAAAUCUGC F
#
# COMPACT_ATOMS: atom_id res chain seq x y z
N ASN A 30 43.63 37.42 6.37
CA ASN A 30 43.85 36.30 7.28
C ASN A 30 42.81 35.21 7.11
N VAL A 31 41.61 35.45 7.61
CA VAL A 31 40.52 34.49 7.47
C VAL A 31 40.16 34.33 6.00
N TYR A 32 40.13 35.43 5.27
CA TYR A 32 39.84 35.38 3.84
C TYR A 32 40.92 34.63 3.06
N GLN A 33 42.18 34.87 3.39
CA GLN A 33 43.27 34.16 2.72
C GLN A 33 43.20 32.67 3.01
N LEU A 34 42.92 32.32 4.26
CA LEU A 34 42.80 30.93 4.66
C LEU A 34 41.69 30.24 3.86
N LYS A 35 40.61 30.96 3.62
CA LYS A 35 39.48 30.42 2.89
C LYS A 35 39.84 30.10 1.44
N GLU A 36 40.61 30.98 0.81
CA GLU A 36 41.00 30.78 -0.58
C GLU A 36 42.03 29.66 -0.73
N GLU A 37 42.89 29.52 0.27
CA GLU A 37 43.90 28.46 0.27
C GLU A 37 43.24 27.10 0.45
N LEU A 38 42.19 27.08 1.27
CA LEU A 38 41.41 25.87 1.51
C LEU A 38 40.71 25.44 0.22
N ILE A 39 40.13 26.40 -0.48
CA ILE A 39 39.46 26.12 -1.76
C ILE A 39 40.45 25.65 -2.82
N GLU A 40 41.65 26.22 -2.80
CA GLU A 40 42.67 25.85 -3.76
C GLU A 40 43.12 24.41 -3.55
N TYR A 41 43.34 24.05 -2.28
CA TYR A 41 43.79 22.72 -1.91
C TYR A 41 42.71 21.67 -2.16
N ALA A 42 41.47 22.03 -1.83
CA ALA A 42 40.35 21.12 -2.00
C ALA A 42 40.19 20.68 -3.46
N LYS A 43 40.37 21.62 -4.38
CA LYS A 43 40.25 21.30 -5.79
C LYS A 43 41.39 20.42 -6.28
N SER A 44 42.58 20.62 -5.72
CA SER A 44 43.75 19.88 -6.17
C SER A 44 43.67 18.42 -5.73
N ILE A 45 42.99 18.17 -4.61
CA ILE A 45 42.84 16.80 -4.12
C ILE A 45 41.52 16.18 -4.58
N GLY A 46 40.85 16.83 -5.53
CA GLY A 46 39.74 16.21 -6.23
C GLY A 46 38.34 16.56 -5.76
N VAL A 47 38.19 17.53 -4.88
CA VAL A 47 36.86 18.00 -4.51
C VAL A 47 36.29 18.80 -5.67
N ASP A 48 35.09 18.43 -6.10
CA ASP A 48 34.47 19.02 -7.29
C ASP A 48 33.72 20.31 -6.99
N LYS A 49 33.28 20.48 -5.75
CA LYS A 49 32.58 21.68 -5.35
C LYS A 49 32.70 21.88 -3.84
N ILE A 50 33.03 23.10 -3.43
CA ILE A 50 33.19 23.41 -2.02
C ILE A 50 32.41 24.68 -1.70
N GLY A 51 31.84 24.74 -0.50
CA GLY A 51 31.01 25.86 -0.10
C GLY A 51 31.09 26.08 1.39
N PHE A 52 30.61 27.25 1.83
CA PHE A 52 30.74 27.64 3.22
C PHE A 52 29.42 28.13 3.80
N THR A 53 29.17 27.78 5.05
CA THR A 53 27.99 28.26 5.76
C THR A 53 28.36 28.47 7.22
N THR A 54 27.45 29.03 8.00
CA THR A 54 27.72 29.30 9.40
C THR A 54 27.48 28.08 10.26
N ALA A 55 27.65 28.24 11.57
CA ALA A 55 27.35 27.18 12.52
C ALA A 55 26.04 27.48 13.22
N ASP A 56 25.23 28.32 12.59
CA ASP A 56 23.90 28.63 13.12
C ASP A 56 23.01 27.38 13.10
N THR A 57 22.08 27.33 14.04
CA THR A 57 21.16 26.21 14.14
C THR A 57 20.27 26.13 12.90
N PHE A 58 19.79 24.94 12.60
CA PHE A 58 18.90 24.74 11.47
C PHE A 58 17.46 24.69 11.95
N ASP A 59 16.84 25.85 12.09
CA ASP A 59 15.52 25.97 12.71
C ASP A 59 14.40 25.39 11.87
N SER A 60 14.33 25.80 10.60
CA SER A 60 13.31 25.29 9.69
C SER A 60 13.43 23.78 9.54
N LEU A 61 14.65 23.27 9.63
CA LEU A 61 14.90 21.85 9.52
C LEU A 61 14.34 21.10 10.73
N LYS A 62 14.41 21.72 11.89
CA LYS A 62 13.91 21.09 13.10
C LYS A 62 12.40 20.90 13.02
N ASP A 63 11.70 21.95 12.61
CA ASP A 63 10.26 21.88 12.42
C ASP A 63 9.90 20.82 11.38
N ARG A 64 10.70 20.78 10.32
CA ARG A 64 10.49 19.82 9.24
C ARG A 64 10.66 18.38 9.72
N LEU A 65 11.65 18.16 10.58
CA LEU A 65 11.92 16.82 11.09
C LEU A 65 10.85 16.38 12.06
N ILE A 66 10.27 17.33 12.79
CA ILE A 66 9.18 17.01 13.70
C ILE A 66 7.92 16.65 12.91
N LEU A 67 7.71 17.37 11.81
CA LEU A 67 6.58 17.11 10.93
C LEU A 67 6.65 15.73 10.30
N GLN A 68 7.77 15.42 9.66
CA GLN A 68 7.95 14.13 8.98
C GLN A 68 7.85 12.98 9.97
N GLU A 69 8.39 13.18 11.16
CA GLU A 69 8.37 12.16 12.19
C GLU A 69 6.95 11.79 12.59
N SER A 70 6.10 12.81 12.76
CA SER A 70 4.74 12.58 13.22
C SER A 70 3.87 12.02 12.10
N LEU A 71 4.28 12.25 10.85
CA LEU A 71 3.54 11.72 9.70
C LEU A 71 3.98 10.30 9.39
N GLY A 72 5.00 9.83 10.10
CA GLY A 72 5.57 8.51 9.83
C GLY A 72 6.30 8.48 8.51
N TYR A 73 6.84 9.62 8.10
CA TYR A 73 7.50 9.71 6.80
C TYR A 73 9.01 9.49 6.88
N LEU A 74 9.53 9.34 8.09
CA LEU A 74 10.94 9.08 8.27
C LEU A 74 11.24 7.58 8.13
N SER A 75 12.52 7.24 8.04
CA SER A 75 12.94 5.87 7.76
C SER A 75 13.42 5.14 9.02
N GLY A 76 13.92 5.89 9.99
CA GLY A 76 14.48 5.29 11.20
C GLY A 76 15.99 5.20 11.08
N PHE A 77 16.51 5.57 9.92
CA PHE A 77 17.94 5.55 9.67
C PHE A 77 18.62 6.83 10.14
N GLU A 78 17.82 7.86 10.39
CA GLU A 78 18.34 9.16 10.80
C GLU A 78 18.73 9.14 12.28
N GLU A 79 19.49 10.14 12.70
CA GLU A 79 19.82 10.33 14.11
C GLU A 79 18.55 10.64 14.90
N PRO A 80 18.33 9.92 16.00
CA PRO A 80 17.14 10.08 16.84
C PRO A 80 17.07 11.41 17.58
N ASP A 81 18.21 11.96 17.99
CA ASP A 81 18.25 13.22 18.72
C ASP A 81 18.17 14.41 17.75
N ILE A 82 17.03 15.08 17.74
CA ILE A 82 16.79 16.21 16.85
C ILE A 82 17.71 17.38 17.16
N GLU A 83 18.07 17.55 18.43
CA GLU A 83 18.91 18.65 18.84
C GLU A 83 20.30 18.56 18.22
N LYS A 84 20.87 17.36 18.22
CA LYS A 84 22.21 17.17 17.64
C LYS A 84 22.18 17.33 16.13
N ARG A 85 21.03 17.11 15.51
CA ARG A 85 20.93 17.18 14.06
C ARG A 85 20.85 18.63 13.55
N VAL A 86 20.33 19.52 14.38
CA VAL A 86 20.12 20.89 13.95
C VAL A 86 21.02 21.90 14.66
N THR A 87 21.86 21.41 15.57
CA THR A 87 22.72 22.30 16.34
C THR A 87 24.20 21.95 16.20
N PRO A 88 24.87 22.56 15.20
CA PRO A 88 26.30 22.36 14.98
C PRO A 88 27.15 22.70 16.20
N LYS A 89 26.74 23.70 16.97
CA LYS A 89 27.49 24.12 18.15
C LYS A 89 27.37 23.14 19.32
N LEU A 90 26.47 22.17 19.18
CA LEU A 90 26.37 21.08 20.14
C LEU A 90 27.36 19.99 19.76
N LEU A 91 27.57 19.84 18.46
CA LEU A 91 28.49 18.84 17.93
C LEU A 91 29.93 19.27 18.11
N LEU A 92 30.19 20.55 17.82
CA LEU A 92 31.50 21.13 18.03
C LEU A 92 31.39 22.41 18.83
N PRO A 93 31.80 22.37 20.11
CA PRO A 93 31.73 23.54 21.00
C PRO A 93 32.40 24.77 20.40
N LYS A 94 31.71 25.91 20.48
CA LYS A 94 32.22 27.19 19.99
C LYS A 94 32.54 27.16 18.49
N ALA A 95 31.79 26.37 17.73
CA ALA A 95 31.97 26.33 16.29
C ALA A 95 31.50 27.64 15.67
N LYS A 96 31.99 27.94 14.47
CA LYS A 96 31.68 29.21 13.83
C LYS A 96 31.37 29.06 12.35
N SER A 97 31.56 27.85 11.81
CA SER A 97 31.27 27.61 10.39
C SER A 97 31.20 26.14 10.04
N ILE A 98 30.71 25.86 8.84
CA ILE A 98 30.69 24.53 8.29
C ILE A 98 31.19 24.60 6.85
N VAL A 99 32.14 23.74 6.51
CA VAL A 99 32.63 23.67 5.15
C VAL A 99 32.01 22.45 4.47
N ALA A 100 31.33 22.67 3.36
CA ALA A 100 30.63 21.61 2.67
C ALA A 100 31.34 21.24 1.38
N ILE A 101 31.47 19.95 1.13
CA ILE A 101 32.10 19.49 -0.11
C ILE A 101 31.20 18.54 -0.87
N ALA A 102 31.45 18.44 -2.17
CA ALA A 102 30.66 17.57 -3.03
C ALA A 102 31.53 16.96 -4.13
N LEU A 103 31.35 15.67 -4.36
CA LEU A 103 32.06 14.98 -5.43
C LEU A 103 31.07 14.39 -6.44
N ALA A 104 31.27 14.68 -7.71
CA ALA A 104 30.42 14.12 -8.77
C ALA A 104 30.81 12.67 -9.05
N TYR A 105 29.81 11.80 -9.19
CA TYR A 105 30.08 10.40 -9.52
C TYR A 105 29.48 10.03 -10.87
N PRO A 106 30.09 9.04 -11.55
CA PRO A 106 29.67 8.67 -12.91
C PRO A 106 28.25 8.15 -12.98
N SER A 107 27.59 8.38 -14.12
CA SER A 107 26.18 8.02 -14.28
C SER A 107 25.96 6.95 -15.34
N ARG A 108 26.85 6.90 -16.33
CA ARG A 108 26.78 5.88 -17.38
C ARG A 108 27.82 4.79 -17.14
N MET A 109 27.51 3.58 -17.58
CA MET A 109 28.39 2.44 -17.39
C MET A 109 29.00 1.96 -18.71
N LYS A 110 30.32 2.00 -18.80
CA LYS A 110 31.04 1.52 -19.99
C LYS A 110 30.84 0.02 -20.20
N ASP A 111 30.18 -0.35 -21.30
CA ASP A 111 29.97 -1.74 -21.69
C ASP A 111 29.27 -2.59 -20.64
N ALA A 112 28.04 -2.21 -20.31
CA ALA A 112 27.24 -2.95 -19.34
C ALA A 112 26.87 -4.33 -19.88
N PRO A 113 27.06 -5.37 -19.05
CA PRO A 113 26.77 -6.76 -19.44
C PRO A 113 25.29 -7.00 -19.67
N ARG A 114 24.98 -7.80 -20.70
CA ARG A 114 23.60 -8.03 -21.11
C ARG A 114 22.90 -9.13 -20.30
N SER A 115 21.75 -8.76 -19.72
CA SER A 115 20.94 -9.70 -18.96
C SER A 115 20.04 -10.52 -19.88
N THR A 116 20.27 -11.83 -19.94
CA THR A 116 19.51 -12.69 -20.84
C THR A 116 18.57 -13.60 -20.04
N ARG A 117 17.76 -14.38 -20.76
CA ARG A 117 16.78 -15.25 -20.13
C ARG A 117 17.43 -16.30 -19.24
N THR A 118 18.53 -16.85 -19.71
CA THR A 118 19.26 -17.87 -18.95
C THR A 118 20.17 -17.26 -17.89
N GLU A 119 20.64 -16.04 -18.15
CA GLU A 119 21.52 -15.34 -17.23
C GLU A 119 20.98 -13.97 -16.85
N ARG A 120 20.10 -13.94 -15.86
CA ARG A 120 19.48 -12.71 -15.39
C ARG A 120 20.41 -11.93 -14.47
N ARG A 121 20.32 -10.61 -14.53
CA ARG A 121 21.19 -9.73 -13.74
C ARG A 121 20.38 -8.74 -12.91
N GLY A 122 20.89 -8.43 -11.72
CA GLY A 122 20.32 -7.37 -10.90
C GLY A 122 21.12 -6.10 -11.12
N ILE A 123 20.74 -5.02 -10.43
CA ILE A 123 21.45 -3.75 -10.59
C ILE A 123 21.55 -2.96 -9.29
N PHE A 124 22.73 -2.41 -9.04
CA PHE A 124 22.94 -1.49 -7.93
C PHE A 124 22.72 -0.06 -8.42
N CYS A 125 22.26 0.81 -7.52
CA CYS A 125 22.12 2.22 -7.87
C CYS A 125 23.50 2.85 -8.01
N ARG A 126 23.56 3.98 -8.71
CA ARG A 126 24.83 4.63 -9.03
C ARG A 126 25.59 5.07 -7.78
N ALA A 127 24.88 5.29 -6.68
CA ALA A 127 25.52 5.68 -5.43
C ALA A 127 26.20 4.48 -4.77
N SER A 128 26.21 3.35 -5.46
CA SER A 128 26.83 2.14 -4.98
C SER A 128 27.76 1.55 -6.03
N TRP A 129 28.25 2.41 -6.92
CA TRP A 129 29.23 2.01 -7.93
C TRP A 129 30.64 2.33 -7.47
N GLY A 130 31.56 1.41 -7.74
CA GLY A 130 32.96 1.60 -7.39
C GLY A 130 33.20 1.64 -5.90
N LYS A 131 34.20 2.41 -5.49
CA LYS A 131 34.59 2.48 -4.09
C LYS A 131 33.58 3.27 -3.26
N ASP A 132 33.21 2.72 -2.11
CA ASP A 132 32.29 3.34 -1.16
C ASP A 132 32.63 4.81 -0.94
N TYR A 133 31.65 5.69 -1.15
CA TYR A 133 31.87 7.12 -0.99
C TYR A 133 32.09 7.48 0.48
N HIS A 134 31.66 6.60 1.37
CA HIS A 134 31.92 6.79 2.80
C HIS A 134 33.41 6.89 3.05
N ASP A 135 34.18 6.13 2.29
CA ASP A 135 35.63 6.08 2.45
C ASP A 135 36.35 7.10 1.59
N VAL A 136 35.86 7.29 0.37
CA VAL A 136 36.42 8.27 -0.55
C VAL A 136 36.36 9.68 0.04
N LEU A 137 35.19 10.06 0.54
CA LEU A 137 34.98 11.40 1.06
C LEU A 137 35.51 11.57 2.47
N ARG A 138 35.66 10.49 3.22
CA ARG A 138 36.28 10.58 4.53
C ARG A 138 37.75 10.90 4.36
N GLU A 139 38.32 10.42 3.26
CA GLU A 139 39.71 10.70 2.92
C GLU A 139 39.89 12.19 2.62
N LYS A 140 39.00 12.73 1.80
CA LYS A 140 39.05 14.16 1.46
C LYS A 140 38.87 15.02 2.70
N LEU A 141 37.99 14.60 3.60
CA LEU A 141 37.77 15.34 4.83
C LEU A 141 38.99 15.27 5.74
N ASP A 142 39.69 14.13 5.73
CA ASP A 142 40.89 13.96 6.54
C ASP A 142 42.04 14.85 6.07
N LEU A 143 42.16 15.00 4.75
CA LEU A 143 43.21 15.83 4.18
C LEU A 143 42.93 17.31 4.40
N LEU A 144 41.67 17.67 4.46
CA LEU A 144 41.26 19.05 4.70
C LEU A 144 41.38 19.41 6.18
N GLU A 145 41.10 18.45 7.05
CA GLU A 145 41.32 18.65 8.48
C GLU A 145 42.81 18.80 8.75
N ASP A 146 43.61 18.01 8.05
CA ASP A 146 45.06 18.08 8.17
C ASP A 146 45.57 19.45 7.72
N PHE A 147 45.07 19.90 6.59
CA PHE A 147 45.49 21.17 6.00
C PHE A 147 45.30 22.34 6.97
N LEU A 148 44.13 22.42 7.58
CA LEU A 148 43.82 23.51 8.50
C LEU A 148 44.63 23.43 9.78
N LYS A 149 44.79 22.22 10.29
CA LYS A 149 45.50 22.01 11.55
C LYS A 149 47.01 22.22 11.38
N SER A 150 47.47 22.19 10.13
CA SER A 150 48.89 22.36 9.83
C SER A 150 49.27 23.84 9.81
N LYS A 151 48.27 24.70 9.69
CA LYS A 151 48.53 26.13 9.73
C LYS A 151 48.29 26.68 11.12
N HIS A 152 47.25 27.49 11.27
CA HIS A 152 46.98 28.09 12.57
C HIS A 152 46.52 27.09 13.61
N GLU A 153 46.76 27.47 14.86
CA GLU A 153 46.20 26.78 16.02
C GLU A 153 45.48 27.83 16.85
N ASP A 154 44.45 27.43 17.59
CA ASP A 154 44.01 26.05 17.67
C ASP A 154 42.73 25.84 16.88
N ILE A 155 42.88 25.63 15.58
CA ILE A 155 41.74 25.33 14.73
C ILE A 155 41.23 23.93 15.06
N ARG A 156 39.98 23.85 15.51
CA ARG A 156 39.36 22.58 15.83
C ARG A 156 38.26 22.24 14.83
N THR A 157 38.13 20.97 14.50
CA THR A 157 37.19 20.54 13.47
C THR A 157 36.42 19.27 13.86
N LYS A 158 35.32 19.03 13.14
CA LYS A 158 34.59 17.77 13.25
C LYS A 158 33.90 17.45 11.93
N SER A 159 34.41 16.44 11.23
CA SER A 159 33.86 16.05 9.94
C SER A 159 32.84 14.94 10.07
N MET A 160 32.09 14.71 8.99
CA MET A 160 31.12 13.64 8.92
C MET A 160 30.62 13.48 7.49
N VAL A 161 30.37 12.23 7.11
CA VAL A 161 29.77 11.94 5.82
C VAL A 161 28.69 10.87 5.99
N ASP A 162 27.45 11.28 5.79
CA ASP A 162 26.27 10.40 5.85
C ASP A 162 25.94 9.88 7.25
N THR A 163 26.93 9.33 7.95
CA THR A 163 26.66 8.70 9.23
C THR A 163 26.78 9.67 10.40
N GLY A 164 26.80 10.97 10.10
CA GLY A 164 26.90 11.99 11.13
C GLY A 164 25.54 12.46 11.60
N GLU A 165 25.52 13.36 12.57
CA GLU A 165 24.27 13.89 13.11
C GLU A 165 23.61 14.90 12.18
N LEU A 166 24.42 15.70 11.50
CA LEU A 166 23.88 16.74 10.62
C LEU A 166 23.13 16.18 9.42
N SER A 167 22.34 17.03 8.79
CA SER A 167 21.73 16.70 7.51
C SER A 167 22.63 17.21 6.40
N ASP A 168 23.28 16.30 5.69
CA ASP A 168 24.23 16.65 4.65
C ASP A 168 23.57 17.54 3.57
N ARG A 169 22.29 17.30 3.32
CA ARG A 169 21.57 18.12 2.34
C ARG A 169 21.31 19.53 2.85
N ALA A 170 20.96 19.65 4.14
CA ALA A 170 20.68 20.95 4.73
C ALA A 170 21.93 21.82 4.70
N VAL A 171 23.06 21.22 5.05
CA VAL A 171 24.34 21.91 5.00
C VAL A 171 24.68 22.32 3.56
N ALA A 172 24.56 21.38 2.63
CA ALA A 172 24.89 21.66 1.23
C ALA A 172 24.02 22.77 0.65
N GLU A 173 22.77 22.86 1.09
CA GLU A 173 21.85 23.85 0.59
C GLU A 173 22.22 25.25 1.07
N ARG A 174 22.46 25.35 2.38
CA ARG A 174 22.79 26.63 3.00
C ARG A 174 24.19 27.11 2.63
N ALA A 175 24.99 26.21 2.07
CA ALA A 175 26.37 26.54 1.72
C ALA A 175 26.51 26.82 0.23
N GLY A 176 25.40 26.73 -0.50
CA GLY A 176 25.41 27.07 -1.91
C GLY A 176 25.94 25.99 -2.83
N ILE A 177 26.01 24.76 -2.33
CA ILE A 177 26.44 23.62 -3.13
C ILE A 177 25.41 23.33 -4.23
N GLY A 178 24.15 23.31 -3.84
CA GLY A 178 23.07 23.05 -4.78
C GLY A 178 21.74 23.38 -4.15
N PHE A 179 20.67 23.33 -4.93
CA PHE A 179 19.34 23.63 -4.42
C PHE A 179 18.57 22.35 -4.13
N SER A 180 17.58 22.45 -3.24
CA SER A 180 16.70 21.33 -2.93
C SER A 180 15.73 21.11 -4.07
N ALA A 181 15.88 20.02 -4.79
CA ALA A 181 15.01 19.72 -5.92
C ALA A 181 13.74 19.01 -5.45
N LYS A 182 12.82 18.77 -6.38
CA LYS A 182 11.52 18.18 -6.03
C LYS A 182 11.64 16.70 -5.68
N ASN A 183 12.74 16.07 -6.09
CA ASN A 183 12.98 14.67 -5.76
C ASN A 183 13.75 14.53 -4.46
N CYS A 184 13.80 15.63 -3.71
CA CYS A 184 14.51 15.75 -2.43
C CYS A 184 16.03 15.87 -2.61
N MET A 185 16.49 15.70 -3.84
CA MET A 185 17.92 15.69 -4.10
C MET A 185 18.51 17.10 -4.13
N ILE A 186 19.72 17.24 -3.60
CA ILE A 186 20.52 18.42 -3.83
C ILE A 186 21.02 18.37 -5.27
N THR A 187 20.72 19.40 -6.05
CA THR A 187 21.05 19.38 -7.46
C THR A 187 21.97 20.53 -7.83
N THR A 188 23.10 20.20 -8.44
CA THR A 188 24.10 21.19 -8.82
C THR A 188 24.00 21.53 -10.30
N PRO A 189 24.31 22.78 -10.65
CA PRO A 189 24.22 23.23 -12.04
C PRO A 189 25.12 22.46 -13.01
N GLU A 190 26.32 22.10 -12.58
CA GLU A 190 27.28 21.49 -13.49
C GLU A 190 27.22 19.96 -13.45
N TYR A 191 26.83 19.39 -12.32
CA TYR A 191 26.90 17.94 -12.15
C TYR A 191 25.54 17.27 -11.96
N GLY A 192 24.50 18.06 -11.75
CA GLY A 192 23.18 17.52 -11.50
C GLY A 192 23.04 16.97 -10.09
N SER A 193 22.23 15.93 -9.93
CA SER A 193 22.01 15.36 -8.61
C SER A 193 23.05 14.29 -8.28
N TYR A 194 23.80 13.87 -9.30
CA TYR A 194 24.79 12.81 -9.13
C TYR A 194 26.04 13.28 -8.38
N VAL A 195 25.86 13.70 -7.14
CA VAL A 195 26.99 14.13 -6.30
C VAL A 195 26.86 13.52 -4.92
N TYR A 196 27.99 13.25 -4.29
CA TYR A 196 28.02 12.82 -2.90
C TYR A 196 28.22 14.06 -2.04
N LEU A 197 27.73 14.03 -0.82
CA LEU A 197 27.86 15.19 0.06
C LEU A 197 28.62 14.86 1.34
N ALA A 198 29.35 15.85 1.84
CA ALA A 198 30.02 15.74 3.13
C ALA A 198 30.30 17.13 3.66
N GLU A 199 30.53 17.25 4.96
CA GLU A 199 30.79 18.55 5.55
C GLU A 199 31.71 18.48 6.76
N MET A 200 32.38 19.60 7.03
CA MET A 200 33.28 19.70 8.17
C MET A 200 32.97 20.94 8.99
N ILE A 201 32.71 20.75 10.29
CA ILE A 201 32.44 21.85 11.18
C ILE A 201 33.75 22.39 11.75
N THR A 202 33.95 23.70 11.69
CA THR A 202 35.19 24.30 12.17
C THR A 202 34.92 25.39 13.20
N ASN A 203 35.98 25.96 13.76
CA ASN A 203 35.85 27.09 14.67
C ASN A 203 36.30 28.38 13.98
N ILE A 204 36.54 28.26 12.68
CA ILE A 204 36.93 29.39 11.85
C ILE A 204 35.70 30.15 11.38
N PRO A 205 35.62 31.44 11.72
CA PRO A 205 34.47 32.25 11.29
C PRO A 205 34.55 32.62 9.82
N PHE A 206 34.54 31.64 8.94
CA PHE A 206 34.57 31.88 7.50
C PHE A 206 33.36 32.67 7.04
N GLU A 207 33.49 33.31 5.89
CA GLU A 207 32.37 34.02 5.29
C GLU A 207 31.51 33.03 4.54
N PRO A 208 30.23 32.92 4.92
CA PRO A 208 29.29 31.99 4.29
C PRO A 208 28.96 32.39 2.86
N ASP A 209 28.46 31.45 2.08
CA ASP A 209 28.05 31.74 0.71
C ASP A 209 26.53 31.87 0.68
N VAL A 210 25.99 32.21 -0.49
CA VAL A 210 24.56 32.34 -0.64
C VAL A 210 23.98 31.14 -1.38
N PRO A 211 22.83 30.63 -0.89
CA PRO A 211 22.14 29.51 -1.54
C PRO A 211 21.79 29.81 -2.98
N ILE A 212 21.83 28.80 -3.85
CA ILE A 212 21.50 28.99 -5.25
C ILE A 212 20.01 28.75 -5.50
N GLU A 213 19.54 29.19 -6.67
CA GLU A 213 18.11 29.22 -6.95
C GLU A 213 17.56 27.90 -7.48
N ASP A 214 16.24 27.76 -7.38
CA ASP A 214 15.52 26.59 -7.84
C ASP A 214 15.48 26.54 -9.37
N MET A 215 15.76 25.38 -9.94
CA MET A 215 15.79 25.23 -11.39
C MET A 215 14.72 24.27 -11.89
N CYS A 216 13.90 23.78 -10.97
CA CYS A 216 12.88 22.78 -11.29
C CYS A 216 11.73 23.36 -12.10
N GLY A 217 11.26 24.55 -11.71
CA GLY A 217 10.13 25.16 -12.39
C GLY A 217 8.86 24.37 -12.19
N SER A 218 8.07 24.24 -13.25
CA SER A 218 6.80 23.54 -13.16
C SER A 218 6.92 22.07 -13.58
N CYS A 219 8.16 21.59 -13.64
CA CYS A 219 8.44 20.20 -13.97
C CYS A 219 8.00 19.27 -12.84
N THR A 220 7.51 18.09 -13.18
CA THR A 220 7.07 17.10 -12.19
C THR A 220 7.42 15.67 -12.58
N LYS A 221 8.45 15.50 -13.40
CA LYS A 221 8.75 14.19 -13.98
C LYS A 221 9.13 13.15 -12.93
N CYS A 222 9.89 13.57 -11.92
CA CYS A 222 10.30 12.67 -10.86
C CYS A 222 9.12 12.23 -10.01
N LEU A 223 8.23 13.16 -9.72
CA LEU A 223 7.05 12.88 -8.91
C LEU A 223 6.12 11.88 -9.59
N ASP A 224 6.06 11.96 -10.91
CA ASP A 224 5.13 11.14 -11.70
C ASP A 224 5.72 9.78 -12.03
N ALA A 225 7.05 9.67 -12.02
CA ALA A 225 7.70 8.44 -12.43
C ALA A 225 8.05 7.55 -11.25
N CYS A 226 7.91 8.07 -10.03
CA CYS A 226 8.20 7.29 -8.84
C CYS A 226 7.26 6.11 -8.77
N PRO A 227 7.82 4.88 -8.85
CA PRO A 227 7.03 3.64 -8.95
C PRO A 227 6.04 3.45 -7.81
N THR A 228 6.34 4.00 -6.64
CA THR A 228 5.52 3.74 -5.46
C THR A 228 4.82 5.00 -4.95
N GLY A 229 5.08 6.12 -5.60
CA GLY A 229 4.54 7.38 -5.16
C GLY A 229 5.10 7.75 -3.79
N ALA A 230 6.36 7.43 -3.56
CA ALA A 230 7.02 7.76 -2.31
C ALA A 230 7.19 9.26 -2.19
N LEU A 231 7.31 9.93 -3.33
CA LEU A 231 7.34 11.39 -3.36
C LEU A 231 5.92 11.92 -3.25
N VAL A 232 5.42 11.99 -2.02
CA VAL A 232 4.05 12.40 -1.75
C VAL A 232 3.81 13.84 -2.22
N ASN A 233 4.81 14.70 -2.04
CA ASN A 233 4.76 16.08 -2.49
C ASN A 233 6.15 16.51 -2.95
N PRO A 234 6.24 17.61 -3.72
CA PRO A 234 7.57 18.10 -4.10
C PRO A 234 8.46 18.35 -2.90
N GLY A 235 9.58 17.63 -2.82
CA GLY A 235 10.52 17.78 -1.73
C GLY A 235 10.12 17.05 -0.47
N GLN A 236 9.11 16.19 -0.58
CA GLN A 236 8.65 15.41 0.57
C GLN A 236 8.62 13.93 0.23
N LEU A 237 9.23 13.12 1.08
CA LEU A 237 9.34 11.69 0.83
C LEU A 237 8.72 10.87 1.95
N ASN A 238 7.86 9.93 1.58
CA ASN A 238 7.43 8.92 2.52
C ASN A 238 8.44 7.80 2.43
N ALA A 239 9.41 7.81 3.35
CA ALA A 239 10.55 6.91 3.29
C ALA A 239 10.16 5.43 3.31
N GLN A 240 9.04 5.14 3.99
CA GLN A 240 8.57 3.77 4.12
C GLN A 240 8.09 3.19 2.79
N ARG A 241 7.84 4.07 1.83
CA ARG A 241 7.36 3.65 0.52
C ARG A 241 8.43 3.77 -0.57
N CYS A 242 9.59 4.30 -0.19
CA CYS A 242 10.68 4.49 -1.14
C CYS A 242 11.41 3.16 -1.40
N ILE A 243 11.52 2.79 -2.67
CA ILE A 243 12.19 1.55 -3.07
C ILE A 243 13.59 1.45 -2.47
N SER A 244 14.30 2.56 -2.50
CA SER A 244 15.67 2.64 -1.98
C SER A 244 15.74 2.17 -0.54
N PHE A 245 14.78 2.62 0.28
CA PHE A 245 14.69 2.21 1.67
C PHE A 245 14.32 0.73 1.78
N LEU A 246 13.36 0.31 0.96
CA LEU A 246 12.81 -1.04 1.02
C LEU A 246 13.86 -2.10 0.68
N THR A 247 14.80 -1.76 -0.18
CA THR A 247 15.86 -2.71 -0.56
C THR A 247 16.84 -2.95 0.58
N GLN A 248 16.78 -2.13 1.61
CA GLN A 248 17.75 -2.20 2.70
C GLN A 248 17.16 -2.74 4.00
N THR A 249 15.88 -3.07 3.98
CA THR A 249 15.22 -3.62 5.16
C THR A 249 15.58 -5.09 5.31
N LYS A 250 15.75 -5.54 6.55
CA LYS A 250 16.25 -6.88 6.82
C LYS A 250 15.15 -7.93 6.96
N GLY A 251 13.89 -7.49 7.01
CA GLY A 251 12.78 -8.40 7.16
C GLY A 251 12.13 -8.75 5.84
N PHE A 252 10.92 -9.28 5.89
CA PHE A 252 10.19 -9.60 4.67
C PHE A 252 9.70 -8.33 3.99
N LEU A 253 9.92 -8.23 2.69
CA LEU A 253 9.40 -7.11 1.92
C LEU A 253 7.88 -7.23 1.80
N PRO A 254 7.16 -6.17 2.19
CA PRO A 254 5.70 -6.14 2.11
C PRO A 254 5.18 -6.52 0.72
N ASP A 255 4.07 -7.25 0.67
CA ASP A 255 3.51 -7.73 -0.59
C ASP A 255 3.24 -6.61 -1.58
N GLU A 256 2.83 -5.46 -1.03
CA GLU A 256 2.49 -4.29 -1.83
CA GLU A 256 2.49 -4.29 -1.83
C GLU A 256 3.60 -3.90 -2.81
N PHE A 257 4.84 -3.93 -2.34
CA PHE A 257 5.96 -3.41 -3.13
C PHE A 257 6.75 -4.45 -3.89
N ARG A 258 6.47 -5.73 -3.69
CA ARG A 258 7.25 -6.79 -4.31
C ARG A 258 7.17 -6.75 -5.84
N THR A 259 6.15 -6.08 -6.36
CA THR A 259 5.91 -6.03 -7.79
C THR A 259 6.52 -4.79 -8.43
N LYS A 260 7.19 -3.98 -7.62
CA LYS A 260 7.71 -2.70 -8.09
C LYS A 260 9.23 -2.58 -7.96
N ILE A 261 9.86 -3.61 -7.42
CA ILE A 261 11.31 -3.58 -7.21
C ILE A 261 12.07 -3.85 -8.51
N GLY A 262 11.46 -4.62 -9.40
CA GLY A 262 12.13 -5.01 -10.63
C GLY A 262 13.36 -5.87 -10.35
N ASN A 263 14.51 -5.44 -10.84
CA ASN A 263 15.75 -6.14 -10.57
C ASN A 263 16.73 -5.29 -9.78
N ARG A 264 16.19 -4.42 -8.92
CA ARG A 264 17.05 -3.60 -8.06
C ARG A 264 17.55 -4.42 -6.87
N LEU A 265 18.86 -4.38 -6.64
CA LEU A 265 19.45 -5.09 -5.51
C LEU A 265 19.73 -4.13 -4.36
N TYR A 266 19.96 -2.87 -4.69
CA TYR A 266 20.22 -1.84 -3.70
C TYR A 266 19.91 -0.47 -4.27
N GLY A 267 19.02 0.26 -3.60
CA GLY A 267 18.71 1.62 -3.98
C GLY A 267 17.92 1.76 -5.26
N CYS A 268 17.55 2.98 -5.59
CA CYS A 268 16.71 3.29 -6.74
C CYS A 268 17.17 4.61 -7.37
N ASP A 269 17.18 4.67 -8.70
CA ASP A 269 17.67 5.86 -9.41
C ASP A 269 16.61 6.49 -10.32
N THR A 270 15.37 6.08 -10.16
CA THR A 270 14.32 6.50 -11.08
C THR A 270 14.03 8.00 -11.04
N CYS A 271 13.96 8.58 -9.85
CA CYS A 271 13.66 10.01 -9.74
C CYS A 271 14.85 10.88 -10.15
N GLN A 272 15.96 10.24 -10.51
CA GLN A 272 17.14 10.95 -11.00
C GLN A 272 17.37 10.75 -12.49
N THR A 273 17.11 9.54 -12.98
CA THR A 273 17.38 9.22 -14.38
C THR A 273 16.36 9.85 -15.32
N VAL A 274 15.23 10.29 -14.76
CA VAL A 274 14.20 10.96 -15.53
C VAL A 274 14.36 12.46 -15.44
N CYS A 275 15.21 12.90 -14.53
CA CYS A 275 15.42 14.33 -14.29
C CYS A 275 16.16 14.98 -15.44
N PRO A 276 15.55 16.02 -16.03
CA PRO A 276 16.12 16.81 -17.14
C PRO A 276 17.41 17.53 -16.74
N LEU A 277 17.57 17.80 -15.45
CA LEU A 277 18.75 18.49 -14.95
C LEU A 277 19.95 17.56 -14.92
N ASN A 278 19.73 16.29 -15.22
CA ASN A 278 20.80 15.30 -15.25
C ASN A 278 21.16 14.85 -16.66
N LYS A 279 20.47 15.40 -17.66
CA LYS A 279 20.74 15.05 -19.04
C LYS A 279 22.12 15.55 -19.48
N GLY A 280 22.98 14.62 -19.86
CA GLY A 280 24.33 14.95 -20.31
C GLY A 280 25.34 14.85 -19.19
N LYS A 281 24.84 14.74 -17.97
CA LYS A 281 25.71 14.68 -16.79
C LYS A 281 26.28 13.29 -16.61
N ASP A 282 27.47 13.07 -17.14
CA ASP A 282 28.15 11.79 -17.02
C ASP A 282 29.62 12.03 -16.76
N PHE A 283 29.98 12.18 -15.49
CA PHE A 283 31.33 12.61 -15.13
C PHE A 283 32.20 11.47 -14.64
N HIS A 284 33.34 11.28 -15.29
CA HIS A 284 34.31 10.30 -14.86
C HIS A 284 35.56 11.00 -14.35
N LEU A 285 35.45 11.60 -13.17
CA LEU A 285 36.49 12.42 -12.58
C LEU A 285 37.28 11.68 -11.50
N HIS A 286 36.75 10.55 -11.05
CA HIS A 286 37.37 9.82 -9.95
C HIS A 286 37.42 8.33 -10.26
N PRO A 287 38.58 7.85 -10.69
CA PRO A 287 38.79 6.47 -11.19
C PRO A 287 38.25 5.37 -10.26
N GLU A 288 38.38 5.55 -8.96
CA GLU A 288 37.94 4.53 -8.02
C GLU A 288 36.41 4.43 -7.92
N MET A 289 35.73 5.43 -8.47
CA MET A 289 34.26 5.44 -8.49
C MET A 289 33.72 4.72 -9.71
N GLU A 290 34.60 4.44 -10.67
CA GLU A 290 34.20 3.73 -11.87
C GLU A 290 33.70 2.34 -11.50
N PRO A 291 32.47 2.02 -11.90
CA PRO A 291 31.85 0.74 -11.54
C PRO A 291 32.51 -0.46 -12.20
N ASP A 292 32.55 -1.57 -11.47
CA ASP A 292 32.87 -2.86 -12.05
C ASP A 292 31.56 -3.48 -12.51
N PRO A 293 31.33 -3.52 -13.82
CA PRO A 293 30.06 -3.93 -14.42
C PRO A 293 29.57 -5.31 -13.97
N GLU A 294 30.48 -6.20 -13.62
CA GLU A 294 30.12 -7.54 -13.21
C GLU A 294 29.69 -7.60 -11.75
N ILE A 295 29.91 -6.53 -11.00
CA ILE A 295 29.47 -6.51 -9.61
C ILE A 295 28.47 -5.39 -9.35
N ALA A 296 28.37 -4.46 -10.29
CA ALA A 296 27.37 -3.40 -10.21
C ALA A 296 26.09 -3.90 -10.84
N LYS A 297 26.25 -4.69 -11.89
CA LYS A 297 25.13 -5.34 -12.57
C LYS A 297 25.36 -6.84 -12.58
N PRO A 298 25.34 -7.46 -11.39
CA PRO A 298 25.80 -8.84 -11.25
C PRO A 298 24.75 -9.89 -11.61
N LEU A 299 25.21 -11.09 -11.95
CA LEU A 299 24.32 -12.21 -12.18
C LEU A 299 23.57 -12.55 -10.90
N LEU A 300 22.28 -12.83 -11.02
CA LEU A 300 21.44 -13.04 -9.85
C LEU A 300 21.69 -14.39 -9.18
N LYS A 301 21.62 -15.47 -9.94
CA LYS A 301 21.77 -16.82 -9.40
C LYS A 301 23.08 -17.06 -8.60
N PRO A 302 24.22 -16.58 -9.10
CA PRO A 302 25.44 -16.76 -8.28
C PRO A 302 25.39 -16.08 -6.91
N LEU A 303 24.60 -15.02 -6.77
CA LEU A 303 24.48 -14.31 -5.50
C LEU A 303 23.81 -15.15 -4.42
N LEU A 304 23.03 -16.13 -4.85
CA LEU A 304 22.24 -16.95 -3.92
C LEU A 304 23.09 -17.94 -3.15
N ALA A 305 24.16 -18.42 -3.77
CA ALA A 305 25.00 -19.46 -3.18
C ALA A 305 26.37 -18.90 -2.82
N ILE A 306 26.47 -17.58 -2.80
CA ILE A 306 27.73 -16.91 -2.53
C ILE A 306 28.22 -17.15 -1.09
N SER A 307 29.53 -17.19 -0.92
CA SER A 307 30.10 -17.37 0.41
C SER A 307 30.42 -16.01 1.02
N ASN A 308 30.65 -15.99 2.32
CA ASN A 308 30.94 -14.75 3.03
C ASN A 308 32.25 -14.11 2.60
N ARG A 309 33.29 -14.92 2.39
CA ARG A 309 34.55 -14.38 1.93
C ARG A 309 34.44 -13.84 0.52
N GLU A 310 33.70 -14.54 -0.34
CA GLU A 310 33.55 -14.14 -1.72
C GLU A 310 32.69 -12.88 -1.83
N PHE A 311 31.83 -12.66 -0.85
CA PHE A 311 30.98 -11.47 -0.82
C PHE A 311 31.77 -10.29 -0.31
N LYS A 312 32.61 -10.56 0.69
CA LYS A 312 33.44 -9.53 1.29
C LYS A 312 34.50 -9.07 0.30
N GLU A 313 35.04 -10.00 -0.47
CA GLU A 313 36.03 -9.68 -1.49
C GLU A 313 35.43 -8.88 -2.64
N LYS A 314 34.22 -9.26 -3.06
CA LYS A 314 33.64 -8.69 -4.27
C LYS A 314 32.70 -7.51 -4.01
N PHE A 315 32.04 -7.50 -2.86
CA PHE A 315 31.04 -6.47 -2.60
C PHE A 315 31.36 -5.68 -1.33
N GLY A 316 32.38 -6.10 -0.60
CA GLY A 316 32.70 -5.50 0.67
C GLY A 316 33.19 -4.07 0.62
N HIS A 317 33.40 -3.54 -0.58
CA HIS A 317 33.92 -2.17 -0.73
C HIS A 317 32.94 -1.22 -1.40
N VAL A 318 31.69 -1.64 -1.56
CA VAL A 318 30.66 -0.75 -2.08
C VAL A 318 29.71 -0.33 -0.97
N SER A 319 29.04 0.80 -1.15
CA SER A 319 28.15 1.34 -0.13
C SER A 319 26.95 0.44 0.13
N GLY A 320 26.52 -0.28 -0.91
CA GLY A 320 25.33 -1.09 -0.81
C GLY A 320 25.45 -2.39 -0.02
N SER A 321 26.58 -2.58 0.66
CA SER A 321 26.82 -3.80 1.42
C SER A 321 26.90 -3.53 2.92
N TRP A 322 26.42 -2.37 3.35
CA TRP A 322 26.58 -1.95 4.73
C TRP A 322 25.66 -2.71 5.68
N ARG A 323 24.59 -3.30 5.14
CA ARG A 323 23.65 -4.06 5.95
C ARG A 323 23.94 -5.56 5.89
N GLY A 324 24.87 -5.94 5.03
CA GLY A 324 25.23 -7.34 4.86
C GLY A 324 24.77 -7.86 3.52
N LYS A 325 24.83 -9.18 3.36
CA LYS A 325 24.43 -9.79 2.10
C LYS A 325 22.96 -10.17 2.09
N LYS A 326 22.36 -10.30 3.28
CA LYS A 326 20.98 -10.78 3.38
C LYS A 326 19.96 -9.93 2.62
N PRO A 327 19.99 -8.60 2.81
CA PRO A 327 18.99 -7.82 2.04
C PRO A 327 19.23 -7.91 0.53
N ILE A 328 20.49 -8.05 0.13
CA ILE A 328 20.83 -8.16 -1.28
C ILE A 328 20.35 -9.49 -1.84
N GLN A 329 20.51 -10.56 -1.06
CA GLN A 329 20.07 -11.87 -1.49
C GLN A 329 18.54 -11.96 -1.55
N ARG A 330 17.87 -11.37 -0.58
CA ARG A 330 16.42 -11.31 -0.60
C ARG A 330 15.93 -10.63 -1.87
N ASN A 331 16.57 -9.52 -2.21
CA ASN A 331 16.21 -8.77 -3.41
C ASN A 331 16.56 -9.53 -4.68
N ALA A 332 17.62 -10.34 -4.62
CA ALA A 332 18.02 -11.16 -5.75
C ALA A 332 16.96 -12.22 -6.02
N ILE A 333 16.45 -12.83 -4.96
CA ILE A 333 15.35 -13.78 -5.05
C ILE A 333 14.13 -13.12 -5.70
N LEU A 334 13.71 -11.99 -5.15
CA LEU A 334 12.57 -11.25 -5.66
C LEU A 334 12.75 -10.84 -7.11
N ALA A 335 14.00 -10.53 -7.48
CA ALA A 335 14.30 -10.14 -8.85
C ALA A 335 14.08 -11.31 -9.80
N LEU A 336 14.40 -12.51 -9.32
CA LEU A 336 14.25 -13.72 -10.11
C LEU A 336 12.77 -14.07 -10.28
N ALA A 337 11.99 -13.81 -9.23
CA ALA A 337 10.54 -13.97 -9.30
C ALA A 337 9.96 -13.01 -10.33
N HIS A 338 10.48 -11.79 -10.32
CA HIS A 338 10.11 -10.76 -11.28
C HIS A 338 10.36 -11.21 -12.72
N PHE A 339 11.49 -11.89 -12.94
CA PHE A 339 11.86 -12.39 -14.26
C PHE A 339 11.24 -13.75 -14.56
N LYS A 340 10.64 -14.35 -13.54
CA LYS A 340 10.11 -15.72 -13.64
C LYS A 340 11.16 -16.66 -14.20
N ASP A 341 12.36 -16.59 -13.62
CA ASP A 341 13.46 -17.41 -14.08
C ASP A 341 13.30 -18.84 -13.57
N ALA A 342 12.89 -19.73 -14.47
CA ALA A 342 12.68 -21.13 -14.12
C ALA A 342 14.00 -21.83 -13.83
N SER A 343 15.09 -21.33 -14.41
CA SER A 343 16.40 -21.94 -14.22
C SER A 343 16.93 -21.69 -12.81
N ALA A 344 16.23 -20.87 -12.04
CA ALA A 344 16.64 -20.57 -10.67
C ALA A 344 15.87 -21.41 -9.67
N LEU A 345 14.91 -22.19 -10.17
CA LEU A 345 14.06 -23.01 -9.32
C LEU A 345 14.81 -24.05 -8.46
N PRO A 346 15.83 -24.73 -9.03
CA PRO A 346 16.56 -25.67 -8.15
C PRO A 346 17.26 -24.98 -6.97
N GLU A 347 17.98 -23.89 -7.21
CA GLU A 347 18.67 -23.20 -6.14
C GLU A 347 17.70 -22.58 -5.14
N LEU A 348 16.59 -22.06 -5.64
CA LEU A 348 15.54 -21.50 -4.77
C LEU A 348 14.95 -22.58 -3.87
N THR A 349 14.77 -23.78 -4.44
CA THR A 349 14.22 -24.92 -3.70
C THR A 349 15.14 -25.34 -2.57
N GLU A 350 16.44 -25.41 -2.85
CA GLU A 350 17.41 -25.78 -1.82
C GLU A 350 17.47 -24.72 -0.73
N LEU A 351 17.40 -23.45 -1.12
CA LEU A 351 17.35 -22.34 -0.18
C LEU A 351 16.15 -22.44 0.75
N MET A 352 15.00 -22.81 0.19
CA MET A 352 13.77 -22.96 0.97
C MET A 352 13.91 -24.05 2.02
N HIS A 353 14.69 -25.08 1.71
CA HIS A 353 14.84 -26.23 2.59
C HIS A 353 15.96 -26.10 3.60
N LYS A 354 17.09 -25.54 3.18
CA LYS A 354 18.31 -25.63 3.96
C LYS A 354 18.73 -24.35 4.67
N ASP A 355 18.43 -23.19 4.08
CA ASP A 355 18.91 -21.93 4.62
C ASP A 355 18.36 -21.65 6.02
N PRO A 356 19.24 -21.26 6.95
CA PRO A 356 18.89 -21.01 8.35
C PRO A 356 18.22 -19.67 8.59
N ARG A 357 18.03 -18.87 7.54
CA ARG A 357 17.43 -17.55 7.70
C ARG A 357 16.00 -17.52 7.20
N PRO A 358 15.04 -17.33 8.12
CA PRO A 358 13.59 -17.32 7.84
C PRO A 358 13.19 -16.41 6.67
N VAL A 359 13.78 -15.23 6.58
CA VAL A 359 13.50 -14.30 5.49
C VAL A 359 13.88 -14.89 4.15
N ILE A 360 14.96 -15.67 4.12
CA ILE A 360 15.45 -16.26 2.88
C ILE A 360 14.61 -17.48 2.48
N ARG A 361 14.29 -18.32 3.45
CA ARG A 361 13.42 -19.47 3.20
C ARG A 361 12.06 -19.04 2.68
N GLY A 362 11.41 -18.12 3.40
CA GLY A 362 10.08 -17.68 3.05
C GLY A 362 10.01 -17.00 1.70
N THR A 363 11.01 -16.17 1.42
CA THR A 363 11.06 -15.43 0.16
C THR A 363 11.29 -16.40 -1.01
N ALA A 364 12.13 -17.39 -0.79
CA ALA A 364 12.41 -18.40 -1.80
C ALA A 364 11.15 -19.20 -2.09
N ALA A 365 10.41 -19.53 -1.04
CA ALA A 365 9.14 -20.25 -1.17
C ALA A 365 8.13 -19.44 -1.98
N TRP A 366 8.04 -18.14 -1.68
CA TRP A 366 7.12 -17.25 -2.35
C TRP A 366 7.51 -17.03 -3.80
N ALA A 367 8.81 -16.96 -4.06
CA ALA A 367 9.31 -16.75 -5.41
C ALA A 367 9.05 -17.97 -6.27
N ILE A 368 9.22 -19.15 -5.68
CA ILE A 368 8.95 -20.41 -6.39
C ILE A 368 7.51 -20.44 -6.90
N GLY A 369 6.57 -20.07 -6.02
CA GLY A 369 5.17 -20.00 -6.41
C GLY A 369 4.92 -18.96 -7.47
N LYS A 370 5.70 -17.88 -7.43
CA LYS A 370 5.55 -16.78 -8.37
C LYS A 370 6.04 -17.13 -9.77
N ILE A 371 7.12 -17.91 -9.84
CA ILE A 371 7.67 -18.31 -11.13
C ILE A 371 6.69 -19.22 -11.86
N GLY A 372 5.93 -20.00 -11.10
CA GLY A 372 4.74 -20.66 -11.61
C GLY A 372 4.88 -22.05 -12.17
N ASP A 373 5.86 -22.80 -11.71
CA ASP A 373 6.01 -24.20 -12.12
C ASP A 373 5.33 -25.10 -11.08
N PRO A 374 4.25 -25.78 -11.49
CA PRO A 374 3.46 -26.61 -10.60
C PRO A 374 4.19 -27.87 -10.14
N ALA A 375 5.28 -28.22 -10.82
CA ALA A 375 6.05 -29.41 -10.47
C ALA A 375 6.71 -29.25 -9.10
N TYR A 376 6.88 -28.02 -8.66
CA TYR A 376 7.56 -27.72 -7.41
C TYR A 376 6.58 -27.56 -6.25
N ALA A 377 5.31 -27.84 -6.51
CA ALA A 377 4.27 -27.65 -5.50
C ALA A 377 4.46 -28.59 -4.32
N GLU A 378 4.89 -29.81 -4.61
CA GLU A 378 5.11 -30.83 -3.59
C GLU A 378 6.19 -30.40 -2.61
N GLU A 379 7.21 -29.74 -3.13
CA GLU A 379 8.33 -29.26 -2.33
C GLU A 379 7.89 -28.14 -1.38
N LEU A 380 6.93 -27.33 -1.82
CA LEU A 380 6.37 -26.28 -0.98
C LEU A 380 5.63 -26.86 0.22
N GLU A 381 4.83 -27.90 -0.03
CA GLU A 381 4.09 -28.57 1.04
C GLU A 381 5.03 -29.19 2.06
N LYS A 382 6.12 -29.78 1.58
CA LYS A 382 7.11 -30.39 2.46
C LYS A 382 7.73 -29.34 3.37
N ALA A 383 8.06 -28.20 2.79
CA ALA A 383 8.63 -27.08 3.54
C ALA A 383 7.64 -26.55 4.56
N LEU A 384 6.37 -26.51 4.17
CA LEU A 384 5.30 -26.01 5.03
C LEU A 384 5.16 -26.87 6.28
N GLU A 385 5.22 -28.18 6.10
CA GLU A 385 5.01 -29.13 7.18
C GLU A 385 6.14 -29.10 8.21
N LYS A 386 7.25 -28.46 7.87
CA LYS A 386 8.42 -28.45 8.75
C LYS A 386 8.77 -27.07 9.31
N GLU A 387 8.29 -26.01 8.67
CA GLU A 387 8.59 -24.66 9.10
C GLU A 387 8.09 -24.37 10.51
N LYS A 388 8.96 -23.80 11.34
CA LYS A 388 8.62 -23.46 12.72
C LYS A 388 8.49 -21.95 12.91
N ASP A 389 9.03 -21.21 11.95
CA ASP A 389 8.95 -19.75 11.99
C ASP A 389 7.61 -19.29 11.41
N GLU A 390 6.87 -18.55 12.22
CA GLU A 390 5.49 -18.17 11.89
C GLU A 390 5.39 -17.36 10.62
N GLU A 391 6.29 -16.40 10.44
CA GLU A 391 6.26 -15.53 9.27
C GLU A 391 6.71 -16.25 8.01
N ALA A 392 7.69 -17.14 8.15
CA ALA A 392 8.16 -17.92 7.02
C ALA A 392 7.06 -18.87 6.56
N LYS A 393 6.30 -19.39 7.52
CA LYS A 393 5.18 -20.28 7.24
C LYS A 393 4.18 -19.60 6.32
N LEU A 394 3.85 -18.35 6.64
CA LEU A 394 2.88 -17.57 5.87
C LEU A 394 3.35 -17.34 4.44
N GLU A 395 4.64 -17.14 4.26
CA GLU A 395 5.18 -16.89 2.93
C GLU A 395 5.13 -18.15 2.08
N ILE A 396 5.27 -19.31 2.73
CA ILE A 396 5.13 -20.58 2.02
C ILE A 396 3.69 -20.80 1.58
N GLU A 397 2.77 -20.48 2.49
CA GLU A 397 1.34 -20.59 2.19
C GLU A 397 0.94 -19.69 1.01
N LYS A 398 1.53 -18.51 0.94
CA LYS A 398 1.31 -17.62 -0.20
C LYS A 398 1.83 -18.26 -1.48
N GLY A 399 2.99 -18.89 -1.40
CA GLY A 399 3.59 -19.53 -2.55
C GLY A 399 2.82 -20.73 -3.05
N ILE A 400 2.25 -21.48 -2.12
CA ILE A 400 1.40 -22.63 -2.48
C ILE A 400 0.17 -22.14 -3.23
N GLU A 401 -0.46 -21.10 -2.70
CA GLU A 401 -1.67 -20.53 -3.27
C GLU A 401 -1.45 -20.05 -4.71
N LEU A 402 -0.26 -19.52 -4.97
CA LEU A 402 0.07 -19.01 -6.30
C LEU A 402 0.19 -20.13 -7.32
N LEU A 403 0.79 -21.25 -6.89
CA LEU A 403 1.03 -22.37 -7.79
C LEU A 403 -0.26 -23.08 -8.17
N LYS A 404 -1.26 -23.00 -7.30
CA LYS A 404 -2.57 -23.55 -7.62
C LYS A 404 -3.17 -22.78 -8.78
N ALA A 405 -2.94 -21.48 -8.81
CA ALA A 405 -3.46 -20.62 -9.86
C ALA A 405 -2.63 -20.73 -11.14
N ASN B 30 -43.11 -38.79 2.47
CA ASN B 30 -43.27 -37.92 3.62
C ASN B 30 -42.25 -36.79 3.64
N VAL B 31 -41.01 -37.13 3.96
CA VAL B 31 -39.92 -36.16 3.98
C VAL B 31 -39.71 -35.61 2.57
N TYR B 32 -39.77 -36.48 1.58
CA TYR B 32 -39.68 -36.06 0.19
C TYR B 32 -40.83 -35.14 -0.16
N GLN B 33 -42.02 -35.48 0.33
CA GLN B 33 -43.20 -34.65 0.09
C GLN B 33 -43.06 -33.27 0.72
N LEU B 34 -42.57 -33.24 1.96
CA LEU B 34 -42.38 -31.99 2.67
C LEU B 34 -41.40 -31.09 1.92
N LYS B 35 -40.38 -31.69 1.34
CA LYS B 35 -39.37 -30.95 0.60
C LYS B 35 -39.96 -30.31 -0.64
N GLU B 36 -40.85 -31.02 -1.33
CA GLU B 36 -41.45 -30.49 -2.55
C GLU B 36 -42.43 -29.36 -2.24
N GLU B 37 -43.10 -29.47 -1.10
CA GLU B 37 -44.05 -28.45 -0.67
C GLU B 37 -43.31 -27.18 -0.26
N LEU B 38 -42.16 -27.36 0.37
CA LEU B 38 -41.31 -26.26 0.78
C LEU B 38 -40.79 -25.50 -0.43
N ILE B 39 -40.37 -26.24 -1.45
CA ILE B 39 -39.89 -25.65 -2.70
C ILE B 39 -41.03 -24.92 -3.40
N GLU B 40 -42.23 -25.49 -3.30
CA GLU B 40 -43.40 -24.90 -3.92
C GLU B 40 -43.76 -23.57 -3.27
N TYR B 41 -43.76 -23.56 -1.94
CA TYR B 41 -44.09 -22.38 -1.17
C TYR B 41 -43.04 -21.28 -1.32
N ALA B 42 -41.77 -21.69 -1.33
CA ALA B 42 -40.67 -20.75 -1.46
C ALA B 42 -40.76 -19.94 -2.75
N LYS B 43 -41.14 -20.58 -3.85
CA LYS B 43 -41.27 -19.88 -5.11
C LYS B 43 -42.47 -18.95 -5.11
N SER B 44 -43.53 -19.33 -4.42
CA SER B 44 -44.75 -18.53 -4.41
C SER B 44 -44.54 -17.26 -3.60
N ILE B 45 -43.66 -17.32 -2.60
CA ILE B 45 -43.39 -16.12 -1.81
C ILE B 45 -42.13 -15.40 -2.29
N GLY B 46 -41.64 -15.76 -3.47
CA GLY B 46 -40.62 -14.97 -4.13
C GLY B 46 -39.17 -15.40 -4.04
N VAL B 47 -38.89 -16.57 -3.49
CA VAL B 47 -37.52 -17.08 -3.51
C VAL B 47 -37.18 -17.49 -4.94
N ASP B 48 -36.08 -16.97 -5.46
CA ASP B 48 -35.69 -17.19 -6.86
C ASP B 48 -34.92 -18.49 -7.05
N LYS B 49 -34.27 -18.95 -5.99
CA LYS B 49 -33.52 -20.20 -6.05
C LYS B 49 -33.40 -20.78 -4.64
N ILE B 50 -33.66 -22.07 -4.52
CA ILE B 50 -33.60 -22.75 -3.24
C ILE B 50 -32.82 -24.05 -3.35
N GLY B 51 -32.10 -24.41 -2.29
CA GLY B 51 -31.28 -25.61 -2.30
C GLY B 51 -31.16 -26.19 -0.90
N PHE B 52 -30.68 -27.43 -0.83
CA PHE B 52 -30.62 -28.15 0.44
C PHE B 52 -29.25 -28.78 0.65
N THR B 53 -28.79 -28.76 1.90
CA THR B 53 -27.55 -29.42 2.28
C THR B 53 -27.69 -29.98 3.68
N THR B 54 -26.68 -30.71 4.12
CA THR B 54 -26.73 -31.34 5.44
C THR B 54 -26.34 -30.36 6.53
N ALA B 55 -26.31 -30.85 7.77
CA ALA B 55 -25.85 -30.05 8.89
C ALA B 55 -24.44 -30.49 9.31
N ASP B 56 -23.74 -31.16 8.40
CA ASP B 56 -22.37 -31.56 8.64
C ASP B 56 -21.48 -30.33 8.75
N THR B 57 -20.39 -30.45 9.51
CA THR B 57 -19.46 -29.35 9.71
C THR B 57 -18.78 -28.96 8.40
N PHE B 58 -18.33 -27.71 8.33
CA PHE B 58 -17.62 -27.21 7.16
C PHE B 58 -16.11 -27.21 7.41
N ASP B 59 -15.47 -28.34 7.13
CA ASP B 59 -14.07 -28.55 7.46
C ASP B 59 -13.13 -27.70 6.61
N SER B 60 -13.31 -27.77 5.29
CA SER B 60 -12.49 -27.01 4.36
C SER B 60 -12.61 -25.50 4.63
N LEU B 61 -13.77 -25.07 5.09
CA LEU B 61 -14.00 -23.68 5.43
C LEU B 61 -13.23 -23.28 6.67
N LYS B 62 -13.14 -24.21 7.63
CA LYS B 62 -12.45 -23.93 8.88
C LYS B 62 -10.96 -23.72 8.65
N ASP B 63 -10.36 -24.62 7.87
CA ASP B 63 -8.96 -24.49 7.51
C ASP B 63 -8.71 -23.18 6.78
N ARG B 64 -9.64 -22.84 5.89
CA ARG B 64 -9.56 -21.62 5.10
C ARG B 64 -9.66 -20.38 5.98
N LEU B 65 -10.55 -20.42 6.96
CA LEU B 65 -10.78 -19.28 7.84
C LEU B 65 -9.60 -19.04 8.77
N ILE B 66 -8.92 -20.11 9.15
CA ILE B 66 -7.73 -20.01 9.98
C ILE B 66 -6.57 -19.43 9.16
N LEU B 67 -6.48 -19.85 7.90
CA LEU B 67 -5.46 -19.37 6.99
C LEU B 67 -5.57 -17.87 6.72
N GLN B 68 -6.75 -17.42 6.31
CA GLN B 68 -6.98 -16.02 6.00
C GLN B 68 -6.74 -15.10 7.20
N GLU B 69 -7.16 -15.57 8.37
CA GLU B 69 -6.98 -14.80 9.60
C GLU B 69 -5.52 -14.58 9.93
N SER B 70 -4.71 -15.62 9.76
CA SER B 70 -3.28 -15.54 10.06
CA SER B 70 -3.28 -15.54 10.06
C SER B 70 -2.56 -14.66 9.04
N LEU B 71 -3.12 -14.56 7.84
CA LEU B 71 -2.53 -13.74 6.78
C LEU B 71 -3.01 -12.28 6.88
N GLY B 72 -3.93 -12.01 7.80
CA GLY B 72 -4.53 -10.70 7.92
C GLY B 72 -5.43 -10.35 6.75
N TYR B 73 -6.03 -11.36 6.13
CA TYR B 73 -6.86 -11.15 4.94
C TYR B 73 -8.34 -11.01 5.28
N LEU B 74 -8.69 -11.20 6.55
CA LEU B 74 -10.07 -11.03 6.98
C LEU B 74 -10.36 -9.56 7.29
N SER B 75 -11.64 -9.22 7.49
CA SER B 75 -12.05 -7.84 7.67
C SER B 75 -12.34 -7.48 9.13
N GLY B 76 -12.74 -8.48 9.91
CA GLY B 76 -13.13 -8.23 11.28
C GLY B 76 -14.64 -8.14 11.42
N PHE B 77 -15.33 -8.23 10.28
CA PHE B 77 -16.79 -8.18 10.25
C PHE B 77 -17.41 -9.55 10.51
N GLU B 78 -16.60 -10.59 10.40
CA GLU B 78 -17.07 -11.95 10.56
C GLU B 78 -17.26 -12.31 12.03
N GLU B 79 -17.96 -13.40 12.30
CA GLU B 79 -18.10 -13.94 13.65
C GLU B 79 -16.73 -14.41 14.15
N PRO B 80 -16.35 -13.99 15.36
CA PRO B 80 -15.05 -14.31 15.95
C PRO B 80 -14.85 -15.78 16.30
N ASP B 81 -15.92 -16.47 16.69
CA ASP B 81 -15.82 -17.88 17.05
C ASP B 81 -15.83 -18.76 15.81
N ILE B 82 -14.68 -19.33 15.47
CA ILE B 82 -14.54 -20.17 14.28
C ILE B 82 -15.36 -21.45 14.42
N GLU B 83 -15.50 -21.93 15.64
CA GLU B 83 -16.22 -23.16 15.92
C GLU B 83 -17.70 -23.02 15.57
N LYS B 84 -18.31 -21.91 15.94
CA LYS B 84 -19.73 -21.68 15.66
C LYS B 84 -19.99 -21.46 14.17
N ARG B 85 -18.98 -21.00 13.45
CA ARG B 85 -19.15 -20.67 12.04
C ARG B 85 -19.19 -21.91 11.17
N VAL B 86 -18.54 -22.98 11.62
CA VAL B 86 -18.41 -24.18 10.80
C VAL B 86 -19.22 -25.35 11.34
N THR B 87 -19.92 -25.13 12.46
CA THR B 87 -20.67 -26.21 13.10
C THR B 87 -22.14 -25.86 13.26
N PRO B 88 -22.96 -26.20 12.25
CA PRO B 88 -24.41 -25.97 12.28
C PRO B 88 -25.08 -26.61 13.50
N LYS B 89 -24.58 -27.77 13.92
CA LYS B 89 -25.17 -28.49 15.04
C LYS B 89 -24.87 -27.84 16.39
N LEU B 90 -24.00 -26.84 16.38
CA LEU B 90 -23.74 -26.04 17.56
C LEU B 90 -24.76 -24.91 17.66
N LEU B 91 -25.19 -24.41 16.50
CA LEU B 91 -26.16 -23.34 16.42
C LEU B 91 -27.57 -23.85 16.69
N LEU B 92 -27.89 -25.01 16.09
CA LEU B 92 -29.17 -25.66 16.33
C LEU B 92 -28.92 -27.11 16.71
N PRO B 93 -29.12 -27.43 18.00
CA PRO B 93 -28.92 -28.78 18.55
C PRO B 93 -29.69 -29.85 17.78
N LYS B 94 -29.02 -30.96 17.49
CA LYS B 94 -29.62 -32.10 16.79
C LYS B 94 -30.17 -31.75 15.42
N ALA B 95 -29.56 -30.77 14.75
CA ALA B 95 -29.95 -30.39 13.39
C ALA B 95 -29.62 -31.49 12.41
N LYS B 96 -30.28 -31.48 11.25
CA LYS B 96 -30.10 -32.54 10.27
C LYS B 96 -29.99 -32.00 8.85
N SER B 97 -30.21 -30.71 8.69
CA SER B 97 -30.10 -30.08 7.37
C SER B 97 -30.05 -28.56 7.42
N ILE B 98 -29.72 -27.97 6.29
CA ILE B 98 -29.74 -26.53 6.13
C ILE B 98 -30.46 -26.21 4.82
N VAL B 99 -31.41 -25.29 4.89
CA VAL B 99 -32.14 -24.86 3.70
C VAL B 99 -31.59 -23.51 3.24
N ALA B 100 -31.12 -23.46 2.00
CA ALA B 100 -30.49 -22.25 1.47
C ALA B 100 -31.36 -21.58 0.43
N ILE B 101 -31.50 -20.26 0.54
CA ILE B 101 -32.29 -19.51 -0.42
C ILE B 101 -31.46 -18.37 -1.03
N ALA B 102 -31.89 -17.94 -2.22
CA ALA B 102 -31.21 -16.84 -2.92
C ALA B 102 -32.22 -15.99 -3.67
N LEU B 103 -32.07 -14.68 -3.56
CA LEU B 103 -32.91 -13.75 -4.30
C LEU B 103 -32.07 -12.90 -5.22
N ALA B 104 -32.42 -12.88 -6.50
CA ALA B 104 -31.72 -12.04 -7.47
C ALA B 104 -32.15 -10.59 -7.30
N TYR B 105 -31.16 -9.68 -7.34
CA TYR B 105 -31.46 -8.25 -7.24
C TYR B 105 -31.03 -7.54 -8.52
N PRO B 106 -31.68 -6.41 -8.86
CA PRO B 106 -31.39 -5.70 -10.11
C PRO B 106 -29.97 -5.15 -10.16
N SER B 107 -29.42 -5.07 -11.37
CA SER B 107 -28.04 -4.65 -11.55
C SER B 107 -27.96 -3.33 -12.33
N ARG B 108 -28.97 -3.08 -13.15
CA ARG B 108 -29.06 -1.85 -13.91
C ARG B 108 -30.08 -0.94 -13.24
N MET B 109 -29.88 0.37 -13.37
CA MET B 109 -30.76 1.32 -12.72
C MET B 109 -31.63 2.08 -13.72
N LYS B 110 -32.94 1.93 -13.58
CA LYS B 110 -33.91 2.64 -14.40
C LYS B 110 -33.80 4.15 -14.19
N ASP B 111 -33.44 4.86 -15.27
CA ASP B 111 -33.34 6.31 -15.26
C ASP B 111 -32.32 6.83 -14.25
N ALA B 112 -31.07 6.40 -14.39
CA ALA B 112 -30.01 6.88 -13.53
C ALA B 112 -29.68 8.34 -13.84
N PRO B 113 -29.63 9.19 -12.80
CA PRO B 113 -29.30 10.60 -12.99
C PRO B 113 -27.85 10.82 -13.38
N ARG B 114 -27.60 11.73 -14.31
CA ARG B 114 -26.25 11.96 -14.82
C ARG B 114 -25.45 12.90 -13.92
N SER B 115 -24.27 12.45 -13.51
CA SER B 115 -23.39 13.26 -12.68
C SER B 115 -22.59 14.25 -13.53
N THR B 116 -22.84 15.54 -13.30
CA THR B 116 -22.19 16.59 -14.08
C THR B 116 -21.19 17.36 -13.24
N ARG B 117 -20.49 18.30 -13.89
CA ARG B 117 -19.46 19.09 -13.23
C ARG B 117 -20.01 19.95 -12.10
N THR B 118 -21.19 20.51 -12.31
CA THR B 118 -21.81 21.37 -11.30
C THR B 118 -22.49 20.53 -10.23
N GLU B 119 -22.96 19.36 -10.62
CA GLU B 119 -23.64 18.45 -9.70
C GLU B 119 -23.01 17.06 -9.73
N ARG B 120 -21.96 16.88 -8.93
CA ARG B 120 -21.28 15.60 -8.86
C ARG B 120 -22.05 14.62 -7.98
N ARG B 121 -22.01 13.34 -8.35
CA ARG B 121 -22.76 12.32 -7.63
C ARG B 121 -21.87 11.16 -7.19
N GLY B 122 -22.17 10.61 -6.01
CA GLY B 122 -21.54 9.40 -5.54
C GLY B 122 -22.42 8.21 -5.87
N ILE B 123 -21.98 7.01 -5.51
CA ILE B 123 -22.75 5.81 -5.83
C ILE B 123 -22.69 4.73 -4.75
N PHE B 124 -23.83 4.13 -4.47
CA PHE B 124 -23.92 2.95 -3.61
C PHE B 124 -23.81 1.71 -4.47
N CYS B 125 -23.27 0.63 -3.92
CA CYS B 125 -23.20 -0.62 -4.64
C CYS B 125 -24.60 -1.21 -4.76
N ARG B 126 -24.76 -2.13 -5.72
CA ARG B 126 -26.06 -2.70 -6.02
C ARG B 126 -26.65 -3.45 -4.83
N ALA B 127 -25.80 -3.95 -3.94
CA ALA B 127 -26.26 -4.66 -2.77
C ALA B 127 -26.81 -3.70 -1.71
N SER B 128 -26.91 -2.42 -2.06
CA SER B 128 -27.45 -1.43 -1.16
C SER B 128 -28.53 -0.60 -1.86
N TRP B 129 -29.15 -1.20 -2.86
CA TRP B 129 -30.26 -0.57 -3.57
C TRP B 129 -31.60 -1.03 -3.01
N GLY B 130 -32.53 -0.09 -2.88
CA GLY B 130 -33.86 -0.41 -2.39
C GLY B 130 -33.88 -0.84 -0.94
N LYS B 131 -34.82 -1.73 -0.61
CA LYS B 131 -35.01 -2.16 0.75
C LYS B 131 -33.89 -3.09 1.20
N ASP B 132 -33.39 -2.84 2.42
CA ASP B 132 -32.35 -3.66 3.03
C ASP B 132 -32.66 -5.14 2.86
N TYR B 133 -31.71 -5.89 2.29
CA TYR B 133 -31.90 -7.31 2.06
C TYR B 133 -31.91 -8.07 3.37
N HIS B 134 -31.34 -7.46 4.41
CA HIS B 134 -31.38 -8.02 5.75
C HIS B 134 -32.81 -8.24 6.21
N ASP B 135 -33.70 -7.31 5.82
CA ASP B 135 -35.09 -7.37 6.22
C ASP B 135 -35.92 -8.16 5.21
N VAL B 136 -35.60 -7.98 3.94
CA VAL B 136 -36.28 -8.68 2.87
C VAL B 136 -36.15 -10.20 3.03
N LEU B 137 -34.93 -10.68 3.23
CA LEU B 137 -34.72 -12.12 3.32
C LEU B 137 -35.06 -12.68 4.70
N ARG B 138 -35.04 -11.82 5.72
CA ARG B 138 -35.47 -12.26 7.05
C ARG B 138 -36.97 -12.51 7.04
N GLU B 139 -37.67 -11.78 6.19
CA GLU B 139 -39.10 -11.96 6.01
C GLU B 139 -39.39 -13.32 5.37
N LYS B 140 -38.65 -13.65 4.31
CA LYS B 140 -38.81 -14.93 3.65
C LYS B 140 -38.48 -16.07 4.60
N LEU B 141 -37.48 -15.90 5.45
CA LEU B 141 -37.10 -16.92 6.40
C LEU B 141 -38.16 -17.11 7.48
N ASP B 142 -38.82 -16.02 7.88
CA ASP B 142 -39.88 -16.10 8.87
C ASP B 142 -41.09 -16.85 8.32
N LEU B 143 -41.36 -16.67 7.03
CA LEU B 143 -42.47 -17.34 6.37
C LEU B 143 -42.18 -18.81 6.13
N LEU B 144 -40.92 -19.14 5.92
CA LEU B 144 -40.53 -20.54 5.71
C LEU B 144 -40.50 -21.26 7.05
N GLU B 145 -40.10 -20.56 8.10
CA GLU B 145 -40.15 -21.12 9.44
C GLU B 145 -41.60 -21.36 9.85
N ASP B 146 -42.48 -20.43 9.49
CA ASP B 146 -43.90 -20.56 9.78
C ASP B 146 -44.49 -21.76 9.05
N PHE B 147 -44.17 -21.88 7.77
CA PHE B 147 -44.69 -22.94 6.93
C PHE B 147 -44.37 -24.32 7.50
N LEU B 148 -43.12 -24.52 7.90
CA LEU B 148 -42.69 -25.79 8.45
C LEU B 148 -43.31 -26.05 9.81
N LYS B 149 -43.40 -25.01 10.64
CA LYS B 149 -43.92 -25.18 12.00
C LYS B 149 -45.43 -25.45 12.00
N SER B 150 -46.09 -25.15 10.90
CA SER B 150 -47.53 -25.38 10.80
C SER B 150 -47.77 -26.84 10.48
N LYS B 151 -46.72 -27.49 9.96
CA LYS B 151 -46.76 -28.92 9.67
C LYS B 151 -46.04 -29.70 10.77
N HIS B 152 -46.69 -30.75 11.27
CA HIS B 152 -46.12 -31.59 12.34
C HIS B 152 -45.84 -30.78 13.61
N ASP B 154 -42.56 -31.94 15.75
CA ASP B 154 -42.02 -30.69 16.28
C ASP B 154 -40.76 -30.26 15.54
N ILE B 155 -40.97 -29.63 14.39
CA ILE B 155 -39.88 -29.09 13.59
C ILE B 155 -39.26 -27.85 14.24
N ARG B 156 -37.95 -27.90 14.49
CA ARG B 156 -37.23 -26.77 15.07
C ARG B 156 -36.31 -26.12 14.05
N THR B 157 -36.20 -24.80 14.11
CA THR B 157 -35.43 -24.04 13.12
C THR B 157 -34.56 -22.95 13.73
N LYS B 158 -33.58 -22.50 12.97
CA LYS B 158 -32.79 -21.32 13.33
C LYS B 158 -32.29 -20.64 12.06
N SER B 159 -32.84 -19.47 11.76
CA SER B 159 -32.49 -18.76 10.54
C SER B 159 -31.40 -17.73 10.74
N MET B 160 -30.84 -17.25 9.63
CA MET B 160 -29.84 -16.19 9.65
C MET B 160 -29.58 -15.66 8.25
N VAL B 161 -29.36 -14.35 8.16
CA VAL B 161 -28.97 -13.72 6.91
C VAL B 161 -27.85 -12.72 7.15
N ASP B 162 -26.66 -13.05 6.63
CA ASP B 162 -25.48 -12.20 6.71
C ASP B 162 -24.93 -12.04 8.13
N THR B 163 -25.80 -11.70 9.08
CA THR B 163 -25.36 -11.42 10.44
C THR B 163 -25.30 -12.65 11.31
N GLY B 164 -25.33 -13.82 10.68
CA GLY B 164 -25.27 -15.08 11.42
C GLY B 164 -23.87 -15.62 11.57
N GLU B 165 -23.75 -16.75 12.26
CA GLU B 165 -22.45 -17.37 12.47
C GLU B 165 -21.98 -18.09 11.21
N LEU B 166 -22.92 -18.70 10.49
CA LEU B 166 -22.55 -19.46 9.30
C LEU B 166 -22.00 -18.58 8.19
N SER B 167 -21.31 -19.20 7.25
CA SER B 167 -20.90 -18.53 6.03
C SER B 167 -21.95 -18.78 4.95
N ASP B 168 -22.68 -17.74 4.60
CA ASP B 168 -23.76 -17.85 3.62
C ASP B 168 -23.29 -18.40 2.29
N ARG B 169 -22.07 -18.07 1.90
CA ARG B 169 -21.50 -18.57 0.65
C ARG B 169 -21.19 -20.06 0.75
N ALA B 170 -20.65 -20.48 1.89
CA ALA B 170 -20.29 -21.88 2.11
C ALA B 170 -21.54 -22.76 2.10
N VAL B 171 -22.59 -22.30 2.76
CA VAL B 171 -23.87 -22.99 2.77
C VAL B 171 -24.46 -23.05 1.37
N ALA B 172 -24.47 -21.90 0.68
CA ALA B 172 -25.00 -21.81 -0.68
C ALA B 172 -24.26 -22.70 -1.67
N GLU B 173 -22.97 -22.87 -1.46
CA GLU B 173 -22.14 -23.65 -2.38
C GLU B 173 -22.47 -25.13 -2.26
N ARG B 174 -22.51 -25.60 -1.02
CA ARG B 174 -22.75 -27.00 -0.73
C ARG B 174 -24.19 -27.39 -1.03
N ALA B 175 -25.06 -26.39 -1.20
CA ALA B 175 -26.47 -26.63 -1.44
C ALA B 175 -26.85 -26.51 -2.92
N GLY B 176 -25.86 -26.23 -3.76
CA GLY B 176 -26.09 -26.22 -5.20
C GLY B 176 -26.71 -24.94 -5.73
N ILE B 177 -26.67 -23.88 -4.93
CA ILE B 177 -27.18 -22.58 -5.35
C ILE B 177 -26.31 -22.00 -6.45
N GLY B 178 -25.00 -22.07 -6.26
CA GLY B 178 -24.06 -21.57 -7.24
C GLY B 178 -22.64 -22.03 -6.93
N PHE B 179 -21.72 -21.76 -7.84
CA PHE B 179 -20.33 -22.14 -7.64
C PHE B 179 -19.50 -20.96 -7.16
N SER B 180 -18.40 -21.24 -6.47
CA SER B 180 -17.47 -20.21 -6.03
C SER B 180 -16.64 -19.73 -7.21
N ALA B 181 -16.88 -18.48 -7.61
CA ALA B 181 -16.16 -17.88 -8.74
C ALA B 181 -14.83 -17.29 -8.28
N LYS B 182 -14.04 -16.80 -9.23
CA LYS B 182 -12.70 -16.28 -8.92
C LYS B 182 -12.73 -14.97 -8.16
N ASN B 183 -13.86 -14.26 -8.21
CA ASN B 183 -13.99 -13.00 -7.48
C ASN B 183 -14.56 -13.20 -6.08
N CYS B 184 -14.55 -14.44 -5.61
CA CYS B 184 -15.08 -14.86 -4.31
C CYS B 184 -16.60 -14.92 -4.27
N MET B 185 -17.25 -14.47 -5.34
CA MET B 185 -18.70 -14.42 -5.37
C MET B 185 -19.32 -15.79 -5.65
N ILE B 186 -20.43 -16.08 -4.99
CA ILE B 186 -21.27 -17.19 -5.40
C ILE B 186 -21.99 -16.78 -6.67
N THR B 187 -21.84 -17.57 -7.74
CA THR B 187 -22.40 -17.20 -9.02
C THR B 187 -23.35 -18.27 -9.56
N THR B 188 -24.57 -17.84 -9.88
CA THR B 188 -25.59 -18.76 -10.37
C THR B 188 -25.70 -18.65 -11.89
N PRO B 189 -26.01 -19.76 -12.56
CA PRO B 189 -26.10 -19.77 -14.03
C PRO B 189 -27.13 -18.79 -14.58
N GLU B 190 -28.25 -18.64 -13.88
CA GLU B 190 -29.35 -17.83 -14.39
C GLU B 190 -29.30 -16.38 -13.91
N TYR B 191 -28.73 -16.14 -12.75
CA TYR B 191 -28.78 -14.81 -12.16
C TYR B 191 -27.40 -14.16 -12.01
N GLY B 192 -26.36 -14.95 -12.21
CA GLY B 192 -25.00 -14.46 -12.05
C GLY B 192 -24.66 -14.31 -10.57
N SER B 193 -23.82 -13.34 -10.26
CA SER B 193 -23.41 -13.11 -8.87
C SER B 193 -24.38 -12.18 -8.16
N TYR B 194 -25.26 -11.55 -8.92
CA TYR B 194 -26.19 -10.57 -8.38
C TYR B 194 -27.31 -11.23 -7.58
N VAL B 195 -26.94 -11.91 -6.50
CA VAL B 195 -27.93 -12.57 -5.65
C VAL B 195 -27.63 -12.33 -4.17
N TYR B 196 -28.67 -12.28 -3.36
CA TYR B 196 -28.51 -12.25 -1.91
C TYR B 196 -28.60 -13.68 -1.40
N LEU B 197 -27.95 -13.95 -0.28
CA LEU B 197 -27.96 -15.31 0.27
C LEU B 197 -28.48 -15.31 1.70
N ALA B 198 -29.15 -16.41 2.06
CA ALA B 198 -29.60 -16.66 3.42
C ALA B 198 -29.85 -18.14 3.59
N GLU B 199 -29.90 -18.60 4.83
CA GLU B 199 -30.13 -20.02 5.09
C GLU B 199 -30.89 -20.24 6.38
N MET B 200 -31.54 -21.40 6.45
CA MET B 200 -32.30 -21.77 7.63
C MET B 200 -31.90 -23.18 8.06
N ILE B 201 -31.45 -23.30 9.31
CA ILE B 201 -31.08 -24.60 9.86
C ILE B 201 -32.31 -25.26 10.47
N THR B 202 -32.54 -26.51 10.09
CA THR B 202 -33.70 -27.26 10.58
C THR B 202 -33.26 -28.59 11.18
N ASN B 203 -34.22 -29.34 11.70
CA ASN B 203 -33.94 -30.69 12.20
C ASN B 203 -34.51 -31.76 11.27
N ILE B 204 -34.97 -31.34 10.10
CA ILE B 204 -35.52 -32.24 9.10
C ILE B 204 -34.42 -32.83 8.23
N PRO B 205 -34.33 -34.18 8.21
CA PRO B 205 -33.30 -34.83 7.39
C PRO B 205 -33.60 -34.82 5.90
N PHE B 206 -33.67 -33.63 5.32
CA PHE B 206 -33.91 -33.47 3.89
C PHE B 206 -32.79 -34.09 3.07
N GLU B 207 -33.06 -34.39 1.82
CA GLU B 207 -32.04 -34.89 0.91
C GLU B 207 -31.23 -33.73 0.36
N PRO B 208 -29.90 -33.75 0.59
CA PRO B 208 -29.01 -32.68 0.12
C PRO B 208 -28.89 -32.66 -1.40
N ASP B 209 -28.46 -31.53 -1.93
CA ASP B 209 -28.26 -31.39 -3.37
C ASP B 209 -26.78 -31.48 -3.75
N VAL B 210 -26.51 -31.45 -5.05
CA VAL B 210 -25.14 -31.50 -5.54
C VAL B 210 -24.69 -30.14 -6.04
N PRO B 211 -23.46 -29.75 -5.71
CA PRO B 211 -22.85 -28.50 -6.17
C PRO B 211 -22.78 -28.42 -7.69
N ILE B 212 -22.91 -27.21 -8.24
CA ILE B 212 -22.81 -27.03 -9.68
C ILE B 212 -21.37 -26.75 -10.08
N GLU B 213 -21.08 -26.85 -11.37
CA GLU B 213 -19.70 -26.81 -11.82
C GLU B 213 -19.19 -25.39 -12.02
N ASP B 214 -17.87 -25.26 -12.04
CA ASP B 214 -17.20 -23.99 -12.23
C ASP B 214 -17.31 -23.53 -13.67
N MET B 215 -17.63 -22.26 -13.88
CA MET B 215 -17.82 -21.73 -15.22
C MET B 215 -16.77 -20.67 -15.57
N CYS B 216 -15.83 -20.44 -14.65
CA CYS B 216 -14.85 -19.38 -14.85
C CYS B 216 -13.83 -19.72 -15.92
N GLY B 217 -13.32 -20.94 -15.90
CA GLY B 217 -12.32 -21.34 -16.86
C GLY B 217 -11.04 -20.55 -16.67
N SER B 218 -10.42 -20.15 -17.78
CA SER B 218 -9.15 -19.44 -17.73
C SER B 218 -9.36 -17.92 -17.77
N CYS B 219 -10.59 -17.49 -17.50
CA CYS B 219 -10.90 -16.07 -17.43
C CYS B 219 -10.26 -15.48 -16.17
N THR B 220 -9.79 -14.24 -16.26
CA THR B 220 -9.16 -13.56 -15.14
C THR B 220 -9.51 -12.08 -15.08
N LYS B 221 -10.65 -11.70 -15.65
CA LYS B 221 -11.00 -10.29 -15.81
C LYS B 221 -11.22 -9.56 -14.49
N CYS B 222 -11.84 -10.24 -13.53
CA CYS B 222 -12.09 -9.63 -12.23
C CYS B 222 -10.77 -9.40 -11.47
N LEU B 223 -9.86 -10.36 -11.60
CA LEU B 223 -8.55 -10.29 -10.96
C LEU B 223 -7.74 -9.12 -11.51
N ASP B 224 -7.91 -8.84 -12.81
CA ASP B 224 -7.14 -7.80 -13.48
C ASP B 224 -7.75 -6.41 -13.33
N ALA B 225 -9.05 -6.35 -13.06
CA ALA B 225 -9.76 -5.07 -13.02
C ALA B 225 -9.91 -4.52 -11.61
N CYS B 226 -9.59 -5.33 -10.60
CA CYS B 226 -9.69 -4.89 -9.23
C CYS B 226 -8.76 -3.71 -8.96
N PRO B 227 -9.33 -2.55 -8.59
CA PRO B 227 -8.60 -1.29 -8.44
C PRO B 227 -7.42 -1.39 -7.47
N THR B 228 -7.53 -2.26 -6.47
CA THR B 228 -6.51 -2.32 -5.43
C THR B 228 -5.77 -3.67 -5.41
N GLY B 229 -6.17 -4.57 -6.30
CA GLY B 229 -5.61 -5.91 -6.31
C GLY B 229 -5.93 -6.65 -5.03
N ALA B 230 -7.13 -6.43 -4.50
CA ALA B 230 -7.56 -7.08 -3.27
C ALA B 230 -7.71 -8.58 -3.51
N LEU B 231 -8.00 -8.94 -4.75
CA LEU B 231 -8.05 -10.34 -5.15
C LEU B 231 -6.64 -10.87 -5.39
N VAL B 232 -5.97 -11.25 -4.31
CA VAL B 232 -4.59 -11.72 -4.36
C VAL B 232 -4.44 -12.97 -5.24
N ASN B 233 -5.44 -13.84 -5.14
CA ASN B 233 -5.48 -15.08 -5.91
C ASN B 233 -6.93 -15.36 -6.27
N PRO B 234 -7.16 -16.24 -7.28
CA PRO B 234 -8.54 -16.62 -7.59
C PRO B 234 -9.28 -17.16 -6.38
N GLY B 235 -10.34 -16.48 -5.95
CA GLY B 235 -11.12 -16.91 -4.81
C GLY B 235 -10.52 -16.50 -3.48
N GLN B 236 -9.51 -15.63 -3.51
CA GLN B 236 -8.86 -15.16 -2.28
C GLN B 236 -8.87 -13.65 -2.19
N LEU B 237 -9.33 -13.12 -1.07
CA LEU B 237 -9.46 -11.69 -0.89
C LEU B 237 -8.67 -11.17 0.30
N ASN B 238 -7.88 -10.13 0.07
CA ASN B 238 -7.33 -9.37 1.18
C ASN B 238 -8.33 -8.28 1.53
N ALA B 239 -9.16 -8.55 2.53
CA ALA B 239 -10.27 -7.69 2.87
C ALA B 239 -9.83 -6.28 3.22
N GLN B 240 -8.63 -6.17 3.79
CA GLN B 240 -8.10 -4.88 4.20
C GLN B 240 -7.77 -3.98 3.02
N ARG B 241 -7.68 -4.57 1.83
CA ARG B 241 -7.39 -3.80 0.62
C ARG B 241 -8.60 -3.66 -0.29
N CYS B 242 -9.70 -4.31 0.08
CA CYS B 242 -10.92 -4.26 -0.72
C CYS B 242 -11.66 -2.94 -0.52
N ILE B 243 -11.94 -2.25 -1.63
CA ILE B 243 -12.65 -0.97 -1.59
C ILE B 243 -13.94 -1.06 -0.79
N SER B 244 -14.68 -2.15 -0.99
CA SER B 244 -15.94 -2.39 -0.30
C SER B 244 -15.80 -2.30 1.21
N PHE B 245 -14.76 -2.94 1.75
CA PHE B 245 -14.48 -2.88 3.18
C PHE B 245 -14.03 -1.48 3.61
N LEU B 246 -13.17 -0.87 2.81
CA LEU B 246 -12.58 0.42 3.15
C LEU B 246 -13.62 1.52 3.28
N THR B 247 -14.69 1.43 2.49
CA THR B 247 -15.74 2.43 2.52
C THR B 247 -16.56 2.37 3.81
N GLN B 248 -16.37 1.31 4.58
CA GLN B 248 -17.19 1.07 5.77
C GLN B 248 -16.42 1.28 7.07
N THR B 249 -15.15 1.67 6.95
CA THR B 249 -14.33 1.95 8.12
C THR B 249 -14.63 3.33 8.71
N LYS B 250 -14.58 3.44 10.03
CA LYS B 250 -14.98 4.67 10.72
C LYS B 250 -13.83 5.65 10.95
N GLY B 251 -12.61 5.22 10.68
CA GLY B 251 -11.44 6.06 10.88
C GLY B 251 -11.00 6.75 9.60
N PHE B 252 -9.77 7.25 9.61
CA PHE B 252 -9.21 7.89 8.42
C PHE B 252 -8.90 6.84 7.36
N LEU B 253 -9.32 7.10 6.14
CA LEU B 253 -8.96 6.23 5.03
C LEU B 253 -7.49 6.42 4.69
N PRO B 254 -6.73 5.32 4.68
CA PRO B 254 -5.30 5.35 4.34
C PRO B 254 -5.05 6.07 3.03
N ASP B 255 -3.96 6.82 2.97
CA ASP B 255 -3.59 7.63 1.81
C ASP B 255 -3.52 6.84 0.52
N GLU B 256 -3.06 5.60 0.63
CA GLU B 256 -2.84 4.74 -0.51
CA GLU B 256 -2.85 4.73 -0.51
C GLU B 256 -4.11 4.56 -1.36
N PHE B 257 -5.26 4.46 -0.69
CA PHE B 257 -6.50 4.16 -1.39
C PHE B 257 -7.38 5.37 -1.70
N ARG B 258 -7.01 6.54 -1.22
CA ARG B 258 -7.83 7.74 -1.41
C ARG B 258 -8.00 8.08 -2.88
N THR B 259 -7.10 7.58 -3.71
CA THR B 259 -7.11 7.85 -5.14
C THR B 259 -7.79 6.74 -5.93
N LYS B 260 -8.31 5.73 -5.24
CA LYS B 260 -8.88 4.57 -5.93
C LYS B 260 -10.35 4.33 -5.60
N ILE B 261 -10.92 5.15 -4.73
CA ILE B 261 -12.31 4.99 -4.33
C ILE B 261 -13.24 5.51 -5.42
N GLY B 262 -12.75 6.48 -6.19
CA GLY B 262 -13.57 7.12 -7.20
C GLY B 262 -14.73 7.87 -6.57
N ASN B 263 -15.94 7.57 -6.99
CA ASN B 263 -17.11 8.20 -6.40
C ASN B 263 -17.98 7.19 -5.67
N ARG B 264 -17.37 6.15 -5.14
CA ARG B 264 -18.07 5.14 -4.36
C ARG B 264 -18.33 5.65 -2.95
N LEU B 265 -19.58 5.55 -2.51
CA LEU B 265 -19.96 5.95 -1.16
C LEU B 265 -20.10 4.74 -0.25
N TYR B 266 -20.43 3.60 -0.85
CA TYR B 266 -20.60 2.36 -0.12
C TYR B 266 -20.40 1.16 -1.04
N GLY B 267 -19.46 0.29 -0.69
CA GLY B 267 -19.27 -0.94 -1.43
C GLY B 267 -18.66 -0.74 -2.80
N CYS B 268 -18.38 -1.85 -3.48
CA CYS B 268 -17.73 -1.83 -4.78
C CYS B 268 -18.29 -2.96 -5.63
N ASP B 269 -18.53 -2.70 -6.91
CA ASP B 269 -19.13 -3.70 -7.79
C ASP B 269 -18.27 -4.03 -9.00
N THR B 270 -17.01 -3.61 -8.97
CA THR B 270 -16.14 -3.73 -10.14
C THR B 270 -15.86 -5.18 -10.55
N CYS B 271 -15.60 -6.05 -9.58
CA CYS B 271 -15.29 -7.44 -9.92
C CYS B 271 -16.53 -8.22 -10.35
N GLN B 272 -17.69 -7.57 -10.34
CA GLN B 272 -18.92 -8.20 -10.79
C GLN B 272 -19.37 -7.63 -12.14
N THR B 273 -19.22 -6.33 -12.31
CA THR B 273 -19.70 -5.67 -13.53
C THR B 273 -18.81 -5.95 -14.73
N VAL B 274 -17.62 -6.48 -14.48
CA VAL B 274 -16.73 -6.83 -15.58
C VAL B 274 -16.86 -8.31 -15.90
N CYS B 275 -17.57 -9.03 -15.04
CA CYS B 275 -17.73 -10.46 -15.20
C CYS B 275 -18.63 -10.84 -16.36
N PRO B 276 -18.11 -11.64 -17.30
CA PRO B 276 -18.89 -12.11 -18.45
C PRO B 276 -20.08 -12.97 -18.03
N LEU B 277 -20.00 -13.58 -16.85
CA LEU B 277 -21.10 -14.40 -16.35
C LEU B 277 -22.25 -13.53 -15.85
N ASN B 278 -22.02 -12.22 -15.81
CA ASN B 278 -23.04 -11.26 -15.41
C ASN B 278 -23.54 -10.46 -16.59
N LYS B 279 -22.99 -10.74 -17.77
CA LYS B 279 -23.41 -10.05 -18.97
C LYS B 279 -24.85 -10.39 -19.32
N GLY B 280 -25.72 -9.39 -19.30
CA GLY B 280 -27.12 -9.56 -19.61
C GLY B 280 -27.99 -9.78 -18.39
N LYS B 281 -27.36 -10.03 -17.24
CA LYS B 281 -28.09 -10.32 -16.00
C LYS B 281 -28.62 -9.07 -15.32
N ASP B 282 -29.88 -8.75 -15.59
CA ASP B 282 -30.53 -7.59 -14.95
C ASP B 282 -31.98 -7.94 -14.58
N PHE B 283 -32.15 -8.48 -13.38
CA PHE B 283 -33.44 -9.01 -12.95
C PHE B 283 -34.18 -8.07 -12.01
N HIS B 284 -35.39 -7.69 -12.40
CA HIS B 284 -36.25 -6.89 -11.56
C HIS B 284 -37.46 -7.70 -11.10
N LEU B 285 -37.22 -8.61 -10.17
CA LEU B 285 -38.23 -9.54 -9.71
C LEU B 285 -38.84 -9.11 -8.38
N HIS B 286 -38.22 -8.15 -7.72
CA HIS B 286 -38.64 -7.73 -6.39
C HIS B 286 -38.69 -6.21 -6.27
N PRO B 287 -39.91 -5.65 -6.37
CA PRO B 287 -40.17 -4.21 -6.43
C PRO B 287 -39.50 -3.39 -5.34
N GLU B 288 -39.43 -3.90 -4.11
CA GLU B 288 -38.84 -3.14 -3.01
C GLU B 288 -37.32 -3.05 -3.13
N MET B 289 -36.74 -3.82 -4.04
CA MET B 289 -35.30 -3.79 -4.28
C MET B 289 -34.94 -2.73 -5.31
N GLU B 290 -35.96 -2.21 -5.99
CA GLU B 290 -35.74 -1.15 -6.97
C GLU B 290 -35.14 0.07 -6.31
N PRO B 291 -33.98 0.52 -6.82
CA PRO B 291 -33.26 1.65 -6.23
C PRO B 291 -34.02 2.97 -6.35
N ASP B 292 -33.89 3.80 -5.33
CA ASP B 292 -34.31 5.19 -5.41
C ASP B 292 -33.11 5.98 -5.94
N PRO B 293 -33.17 6.38 -7.21
CA PRO B 293 -32.03 6.98 -7.93
C PRO B 293 -31.44 8.21 -7.24
N GLU B 294 -32.25 8.95 -6.49
CA GLU B 294 -31.75 10.15 -5.84
C GLU B 294 -31.04 9.87 -4.53
N ILE B 295 -31.16 8.64 -4.04
CA ILE B 295 -30.46 8.27 -2.80
C ILE B 295 -29.49 7.11 -3.02
N ALA B 296 -29.63 6.43 -4.15
CA ALA B 296 -28.70 5.35 -4.51
C ALA B 296 -27.51 5.96 -5.26
N LYS B 297 -27.79 6.98 -6.06
CA LYS B 297 -26.76 7.74 -6.74
C LYS B 297 -26.92 9.22 -6.39
N PRO B 298 -26.72 9.55 -5.10
CA PRO B 298 -27.11 10.88 -4.61
C PRO B 298 -26.08 11.97 -4.86
N LEU B 299 -26.55 13.21 -4.83
CA LEU B 299 -25.68 14.37 -4.92
C LEU B 299 -24.74 14.39 -3.73
N LEU B 300 -23.48 14.73 -3.97
CA LEU B 300 -22.47 14.64 -2.94
C LEU B 300 -22.57 15.74 -1.89
N LYS B 301 -22.61 16.99 -2.34
CA LYS B 301 -22.62 18.15 -1.44
C LYS B 301 -23.75 18.15 -0.39
N PRO B 302 -24.98 17.79 -0.77
CA PRO B 302 -26.03 17.75 0.27
C PRO B 302 -25.75 16.76 1.40
N LEU B 303 -24.99 15.72 1.11
CA LEU B 303 -24.64 14.69 2.11
C LEU B 303 -23.75 15.24 3.22
N LEU B 304 -23.06 16.35 2.94
CA LEU B 304 -22.09 16.87 3.86
C LEU B 304 -22.74 17.51 5.09
N ALA B 305 -23.93 18.07 4.89
CA ALA B 305 -24.60 18.81 5.96
C ALA B 305 -25.87 18.14 6.43
N ILE B 306 -26.07 16.88 6.04
CA ILE B 306 -27.27 16.16 6.43
C ILE B 306 -27.29 15.91 7.94
N SER B 307 -28.48 15.88 8.53
CA SER B 307 -28.61 15.65 9.96
C SER B 307 -28.88 14.17 10.24
N ASN B 308 -28.75 13.78 11.50
CA ASN B 308 -28.97 12.40 11.91
C ASN B 308 -30.42 11.99 11.69
N ARG B 309 -31.34 12.89 12.01
CA ARG B 309 -32.75 12.61 11.83
C ARG B 309 -33.08 12.46 10.34
N GLU B 310 -32.48 13.34 9.54
CA GLU B 310 -32.73 13.36 8.10
C GLU B 310 -32.05 12.18 7.40
N PHE B 311 -31.01 11.66 8.04
CA PHE B 311 -30.26 10.53 7.49
C PHE B 311 -31.00 9.22 7.76
N LYS B 312 -31.64 9.13 8.93
CA LYS B 312 -32.42 7.96 9.28
C LYS B 312 -33.63 7.84 8.38
N GLU B 313 -34.24 8.99 8.08
CA GLU B 313 -35.43 9.01 7.22
C GLU B 313 -35.11 8.64 5.77
N LYS B 314 -33.99 9.12 5.26
CA LYS B 314 -33.70 8.96 3.83
C LYS B 314 -32.86 7.74 3.51
N PHE B 315 -32.01 7.32 4.45
CA PHE B 315 -31.07 6.23 4.20
C PHE B 315 -31.25 5.07 5.17
N GLY B 316 -32.11 5.24 6.17
CA GLY B 316 -32.24 4.27 7.23
C GLY B 316 -32.80 2.90 6.85
N HIS B 317 -33.21 2.72 5.61
CA HIS B 317 -33.81 1.46 5.18
C HIS B 317 -33.00 0.72 4.13
N VAL B 318 -31.78 1.18 3.87
CA VAL B 318 -30.87 0.47 2.98
C VAL B 318 -29.75 -0.18 3.79
N SER B 319 -29.13 -1.20 3.21
CA SER B 319 -28.07 -1.93 3.90
C SER B 319 -26.85 -1.05 4.17
N GLY B 320 -26.63 -0.06 3.31
CA GLY B 320 -25.45 0.78 3.40
C GLY B 320 -25.42 1.81 4.51
N SER B 321 -26.39 1.73 5.43
CA SER B 321 -26.48 2.70 6.51
C SER B 321 -26.26 2.07 7.88
N TRP B 322 -25.73 0.85 7.89
CA TRP B 322 -25.63 0.09 9.14
C TRP B 322 -24.50 0.59 10.04
N ARG B 323 -23.54 1.29 9.46
CA ARG B 323 -22.42 1.81 10.24
C ARG B 323 -22.64 3.29 10.60
N GLY B 324 -23.69 3.87 10.05
CA GLY B 324 -24.00 5.27 10.31
C GLY B 324 -23.74 6.14 9.11
N LYS B 325 -23.77 7.46 9.31
CA LYS B 325 -23.56 8.40 8.21
C LYS B 325 -22.11 8.82 8.08
N LYS B 326 -21.34 8.67 9.16
CA LYS B 326 -19.98 9.18 9.19
C LYS B 326 -19.08 8.59 8.08
N PRO B 327 -19.08 7.27 7.90
CA PRO B 327 -18.23 6.76 6.81
C PRO B 327 -18.71 7.23 5.43
N ILE B 328 -20.01 7.42 5.30
CA ILE B 328 -20.60 7.86 4.04
C ILE B 328 -20.20 9.29 3.71
N GLN B 329 -20.22 10.14 4.73
CA GLN B 329 -19.84 11.53 4.56
C GLN B 329 -18.35 11.65 4.24
N ARG B 330 -17.55 10.85 4.92
CA ARG B 330 -16.12 10.80 4.65
C ARG B 330 -15.88 10.46 3.19
N ASN B 331 -16.62 9.47 2.70
CA ASN B 331 -16.49 9.06 1.30
C ASN B 331 -17.02 10.12 0.36
N ALA B 332 -18.01 10.87 0.81
CA ALA B 332 -18.56 11.97 0.02
C ALA B 332 -17.50 13.05 -0.15
N ILE B 333 -16.82 13.35 0.94
CA ILE B 333 -15.71 14.30 0.93
C ILE B 333 -14.62 13.82 -0.04
N LEU B 334 -14.18 12.59 0.14
CA LEU B 334 -13.14 12.01 -0.70
C LEU B 334 -13.54 11.97 -2.17
N ALA B 335 -14.82 11.74 -2.42
CA ALA B 335 -15.33 11.70 -3.78
C ALA B 335 -15.26 13.08 -4.41
N LEU B 336 -15.50 14.11 -3.60
CA LEU B 336 -15.45 15.47 -4.11
C LEU B 336 -14.02 15.90 -4.43
N ALA B 337 -13.06 15.45 -3.63
CA ALA B 337 -11.65 15.72 -3.92
C ALA B 337 -11.28 15.02 -5.23
N HIS B 338 -11.82 13.81 -5.40
CA HIS B 338 -11.63 13.05 -6.63
C HIS B 338 -12.13 13.84 -7.85
N PHE B 339 -13.24 14.54 -7.69
CA PHE B 339 -13.80 15.35 -8.77
C PHE B 339 -13.17 16.74 -8.81
N LYS B 340 -12.40 17.06 -7.76
CA LYS B 340 -11.83 18.40 -7.59
C LYS B 340 -12.91 19.47 -7.72
N ASP B 341 -14.00 19.27 -6.99
CA ASP B 341 -15.15 20.16 -7.02
C ASP B 341 -14.89 21.43 -6.20
N ALA B 342 -14.64 22.53 -6.90
CA ALA B 342 -14.38 23.80 -6.23
C ALA B 342 -15.64 24.35 -5.56
N SER B 343 -16.79 23.97 -6.07
CA SER B 343 -18.06 24.45 -5.53
C SER B 343 -18.38 23.86 -4.16
N ALA B 344 -17.59 22.89 -3.72
CA ALA B 344 -17.81 22.25 -2.43
C ALA B 344 -16.89 22.85 -1.36
N LEU B 345 -15.99 23.71 -1.79
CA LEU B 345 -14.99 24.31 -0.90
C LEU B 345 -15.56 25.08 0.30
N PRO B 346 -16.64 25.87 0.12
CA PRO B 346 -17.20 26.53 1.29
C PRO B 346 -17.71 25.56 2.36
N GLU B 347 -18.47 24.55 1.95
CA GLU B 347 -19.03 23.60 2.88
C GLU B 347 -17.92 22.78 3.54
N LEU B 348 -16.91 22.43 2.76
CA LEU B 348 -15.75 21.72 3.30
C LEU B 348 -15.02 22.57 4.33
N THR B 349 -14.89 23.86 4.06
CA THR B 349 -14.21 24.77 4.98
C THR B 349 -14.93 24.83 6.33
N GLU B 350 -16.24 24.95 6.29
CA GLU B 350 -17.03 25.01 7.51
C GLU B 350 -16.95 23.70 8.32
N LEU B 351 -16.97 22.57 7.62
CA LEU B 351 -16.81 21.28 8.26
C LEU B 351 -15.50 21.18 9.00
N MET B 352 -14.44 21.69 8.38
CA MET B 352 -13.11 21.66 8.96
C MET B 352 -13.03 22.45 10.28
N HIS B 353 -13.86 23.47 10.40
CA HIS B 353 -13.81 24.34 11.57
C HIS B 353 -14.72 23.91 12.72
N LYS B 354 -15.94 23.51 12.41
CA LYS B 354 -16.94 23.34 13.47
C LYS B 354 -17.35 21.90 13.79
N ASP B 355 -17.20 20.99 12.82
CA ASP B 355 -17.65 19.62 13.00
C ASP B 355 -16.95 18.95 14.18
N PRO B 356 -17.72 18.28 15.04
CA PRO B 356 -17.21 17.65 16.26
C PRO B 356 -16.51 16.31 16.03
N ARG B 357 -16.44 15.85 14.78
CA ARG B 357 -15.80 14.57 14.48
C ARG B 357 -14.47 14.75 13.75
N PRO B 358 -13.37 14.39 14.43
CA PRO B 358 -11.98 14.50 13.95
C PRO B 358 -11.78 13.95 12.54
N VAL B 359 -12.43 12.83 12.22
CA VAL B 359 -12.31 12.24 10.91
C VAL B 359 -12.86 13.18 9.83
N ILE B 360 -13.91 13.91 10.16
CA ILE B 360 -14.55 14.81 9.20
C ILE B 360 -13.77 16.10 9.04
N ARG B 361 -13.30 16.65 10.16
CA ARG B 361 -12.45 17.84 10.12
C ARG B 361 -11.20 17.55 9.28
N GLY B 362 -10.52 16.47 9.61
CA GLY B 362 -9.28 16.10 8.96
C GLY B 362 -9.43 15.79 7.48
N THR B 363 -10.48 15.07 7.12
CA THR B 363 -10.71 14.68 5.73
C THR B 363 -11.08 15.87 4.86
N ALA B 364 -11.89 16.78 5.41
CA ALA B 364 -12.28 17.98 4.69
C ALA B 364 -11.08 18.86 4.43
N ALA B 365 -10.21 18.96 5.43
CA ALA B 365 -8.98 19.73 5.32
C ALA B 365 -8.08 19.21 4.21
N TRP B 366 -7.94 17.89 4.15
CA TRP B 366 -7.12 17.24 3.14
C TRP B 366 -7.71 17.39 1.75
N ALA B 367 -9.03 17.33 1.68
CA ALA B 367 -9.72 17.46 0.40
C ALA B 367 -9.57 18.88 -0.16
N ILE B 368 -9.65 19.86 0.73
CA ILE B 368 -9.47 21.26 0.33
C ILE B 368 -8.13 21.44 -0.36
N GLY B 369 -7.08 20.89 0.23
CA GLY B 369 -5.76 20.92 -0.36
C GLY B 369 -5.70 20.14 -1.67
N LYS B 370 -6.46 19.06 -1.73
CA LYS B 370 -6.48 18.21 -2.92
C LYS B 370 -7.20 18.89 -4.08
N ILE B 371 -8.26 19.63 -3.77
CA ILE B 371 -9.03 20.34 -4.79
C ILE B 371 -8.19 21.45 -5.42
N GLY B 372 -7.30 22.04 -4.63
CA GLY B 372 -6.22 22.85 -5.19
C GLY B 372 -6.46 24.33 -5.33
N ASP B 373 -7.33 24.89 -4.51
CA ASP B 373 -7.53 26.33 -4.49
C ASP B 373 -6.67 26.96 -3.41
N PRO B 374 -5.66 27.76 -3.82
CA PRO B 374 -4.71 28.35 -2.88
C PRO B 374 -5.34 29.43 -1.99
N ALA B 375 -6.52 29.91 -2.38
CA ALA B 375 -7.20 30.94 -1.61
C ALA B 375 -7.64 30.44 -0.24
N TYR B 376 -7.75 29.11 -0.10
CA TYR B 376 -8.24 28.53 1.14
C TYR B 376 -7.10 28.12 2.07
N ALA B 377 -5.87 28.48 1.71
CA ALA B 377 -4.70 28.10 2.48
C ALA B 377 -4.70 28.70 3.88
N GLU B 378 -5.17 29.93 4.00
CA GLU B 378 -5.21 30.61 5.29
C GLU B 378 -6.14 29.91 6.29
N GLU B 379 -7.26 29.40 5.80
CA GLU B 379 -8.20 28.70 6.69
C GLU B 379 -7.60 27.38 7.16
N LEU B 380 -6.81 26.76 6.30
CA LEU B 380 -6.11 25.53 6.68
C LEU B 380 -5.13 25.80 7.82
N GLU B 381 -4.37 26.89 7.70
CA GLU B 381 -3.44 27.30 8.73
C GLU B 381 -4.17 27.63 10.03
N LYS B 382 -5.28 28.33 9.90
CA LYS B 382 -6.11 28.69 11.05
C LYS B 382 -6.63 27.43 11.75
N ALA B 383 -7.07 26.48 10.95
CA ALA B 383 -7.55 25.21 11.48
C ALA B 383 -6.43 24.46 12.18
N LEU B 384 -5.24 24.52 11.59
CA LEU B 384 -4.06 23.86 12.14
C LEU B 384 -3.69 24.40 13.51
N GLU B 385 -3.70 25.72 13.64
CA GLU B 385 -3.28 26.38 14.86
C GLU B 385 -4.23 26.16 16.03
N LYS B 386 -5.43 25.67 15.75
CA LYS B 386 -6.45 25.50 16.78
C LYS B 386 -6.82 24.05 17.04
N GLU B 387 -6.47 23.16 16.11
CA GLU B 387 -6.79 21.74 16.23
C GLU B 387 -6.16 21.11 17.47
N LYS B 388 -6.96 20.35 18.20
CA LYS B 388 -6.49 19.68 19.41
C LYS B 388 -6.32 18.18 19.20
N ASP B 389 -6.95 17.64 18.16
CA ASP B 389 -6.82 16.22 17.86
C ASP B 389 -5.58 15.96 17.00
N GLU B 390 -4.70 15.11 17.50
CA GLU B 390 -3.41 14.85 16.88
C GLU B 390 -3.52 14.27 15.47
N GLU B 391 -4.46 13.36 15.27
CA GLU B 391 -4.65 12.75 13.95
C GLU B 391 -5.27 13.73 12.97
N ALA B 392 -6.20 14.55 13.47
CA ALA B 392 -6.82 15.57 12.64
C ALA B 392 -5.79 16.62 12.27
N LYS B 393 -4.90 16.91 13.22
CA LYS B 393 -3.81 17.86 13.00
C LYS B 393 -2.93 17.45 11.82
N LEU B 394 -2.58 16.16 11.78
CA LEU B 394 -1.73 15.61 10.73
C LEU B 394 -2.37 15.72 9.35
N GLU B 395 -3.68 15.54 9.29
CA GLU B 395 -4.39 15.59 8.03
C GLU B 395 -4.44 17.00 7.47
N ILE B 396 -4.48 17.98 8.37
CA ILE B 396 -4.45 19.38 7.96
C ILE B 396 -3.08 19.71 7.36
N GLU B 397 -2.03 19.22 8.01
CA GLU B 397 -0.67 19.42 7.55
C GLU B 397 -0.47 18.82 6.15
N LYS B 398 -1.09 17.68 5.89
CA LYS B 398 -1.07 17.08 4.56
C LYS B 398 -1.75 17.99 3.54
N GLY B 399 -2.88 18.57 3.95
CA GLY B 399 -3.65 19.45 3.09
C GLY B 399 -2.91 20.74 2.77
N ILE B 400 -2.20 21.26 3.76
CA ILE B 400 -1.39 22.45 3.57
C ILE B 400 -0.28 22.19 2.55
N GLU B 401 0.37 21.05 2.71
CA GLU B 401 1.47 20.64 1.84
C GLU B 401 1.03 20.54 0.38
N LEU B 402 -0.20 20.07 0.17
CA LEU B 402 -0.75 19.89 -1.17
C LEU B 402 -1.02 21.22 -1.88
N LEU B 403 -1.50 22.21 -1.14
CA LEU B 403 -1.87 23.48 -1.73
C LEU B 403 -0.66 24.26 -2.22
N LYS B 404 0.47 24.05 -1.57
CA LYS B 404 1.73 24.65 -2.00
C LYS B 404 2.11 24.09 -3.36
N ALA B 405 1.84 22.80 -3.56
CA ALA B 405 2.16 22.12 -4.80
C ALA B 405 1.13 22.42 -5.89
#